data_9KG5
#
_entry.id   9KG5
#
_cell.length_a   103.360
_cell.length_b   103.360
_cell.length_c   218.210
_cell.angle_alpha   90.00
_cell.angle_beta   90.00
_cell.angle_gamma   120.00
#
_symmetry.space_group_name_H-M   'H 3'
#
loop_
_entity.id
_entity.type
_entity.pdbx_description
1 polymer 'Cytochrome P450 monooxygenase'
2 non-polymer TESTOSTERONE
3 non-polymer 'PROTOPORPHYRIN IX CONTAINING FE'
4 non-polymer 'CADMIUM ION'
5 non-polymer 'CHLORIDE ION'
6 non-polymer 'POTASSIUM ION'
7 non-polymer GLYCEROL
8 water water
#
_entity_poly.entity_id   1
_entity_poly.type   'polypeptide(L)'
_entity_poly.pdbx_seq_one_letter_code
;MGSSHHHHHHSSGLVPRGSHMNACPHSDTLTIDPMITDLAGETSRLRAAGPLTRIDLLGVPALAVTGHTLARQLLTDTRL
VKDINAWSLWQSGTVTRQWPLIGMIDVDRSMATVDGPEHRRLRIKTTQALTRRALDALKPTIERYVAELLDDLERAGADG
AVVDLKSVFAYPLPMRVISALMGVPSEDQEQLLTWYKAFFSILTPQDERLRVIDEMHGYFTEMVRRKTAEPGDDLTSALI
YATDGETPLTEEEVIGNLQALVAAGHEDTVSLILTAVRALLSHPEQLRLVRDGEIGWETAIAETLRWDGPVIHLLMRFAT
EDIDLGDAVIPRGEGVVMSYRAIGRDITVHGADADDFDITRATAARHISFGHGPHICPGAALARLEAAIALPALFTRFPH
LHPALPLDQIPNLPVLTQNDLSHFPIHLG
;
_entity_poly.pdbx_strand_id   B,A
#
# COMPACT_ATOMS: atom_id res chain seq x y z
N PRO A 25 -6.93 26.27 15.08
CA PRO A 25 -7.60 27.47 14.58
C PRO A 25 -9.05 27.21 14.20
N HIS A 26 -9.96 28.09 14.62
CA HIS A 26 -11.38 27.83 14.48
C HIS A 26 -11.88 28.18 13.08
N SER A 27 -12.75 27.32 12.55
CA SER A 27 -13.45 27.59 11.30
C SER A 27 -14.84 26.98 11.39
N ASP A 28 -15.78 27.56 10.64
CA ASP A 28 -17.16 27.10 10.69
C ASP A 28 -17.42 25.95 9.72
N THR A 29 -16.54 25.73 8.76
CA THR A 29 -16.62 24.60 7.85
C THR A 29 -15.48 23.63 8.18
N LEU A 30 -15.83 22.38 8.47
CA LEU A 30 -14.87 21.36 8.85
C LEU A 30 -14.39 20.66 7.57
N THR A 31 -13.11 20.82 7.25
CA THR A 31 -12.55 20.19 6.06
C THR A 31 -12.20 18.75 6.36
N ILE A 32 -12.84 17.82 5.64
CA ILE A 32 -12.53 16.40 5.78
C ILE A 32 -11.17 16.15 5.13
N ASP A 33 -10.21 15.74 5.93
CA ASP A 33 -8.85 15.54 5.45
C ASP A 33 -8.79 14.32 4.55
N PRO A 34 -8.36 14.45 3.29
CA PRO A 34 -8.36 13.30 2.38
C PRO A 34 -7.34 12.22 2.74
N MET A 35 -6.32 12.54 3.53
CA MET A 35 -5.33 11.55 3.92
C MET A 35 -5.73 10.80 5.20
N ILE A 36 -6.82 11.19 5.85
CA ILE A 36 -7.29 10.57 7.09
C ILE A 36 -6.14 10.49 8.08
N THR A 37 -5.49 11.64 8.33
CA THR A 37 -4.39 11.68 9.28
C THR A 37 -4.88 11.69 10.72
N ASP A 38 -6.05 12.28 10.98
CA ASP A 38 -6.61 12.39 12.32
C ASP A 38 -8.09 12.06 12.26
N LEU A 39 -8.40 10.76 12.08
CA LEU A 39 -9.80 10.33 12.02
C LEU A 39 -10.50 10.53 13.34
N ALA A 40 -9.83 10.20 14.45
CA ALA A 40 -10.42 10.38 15.77
C ALA A 40 -10.75 11.85 16.03
N GLY A 41 -9.81 12.74 15.71
CA GLY A 41 -10.04 14.16 15.91
C GLY A 41 -11.21 14.69 15.09
N GLU A 42 -11.26 14.31 13.82
CA GLU A 42 -12.36 14.76 12.97
C GLU A 42 -13.70 14.25 13.47
N THR A 43 -13.75 12.98 13.89
CA THR A 43 -15.00 12.42 14.37
C THR A 43 -15.49 13.15 15.62
N SER A 44 -14.58 13.47 16.53
CA SER A 44 -14.96 14.22 17.73
C SER A 44 -15.38 15.64 17.38
N ARG A 45 -14.66 16.28 16.46
CA ARG A 45 -15.01 17.64 16.05
C ARG A 45 -16.36 17.66 15.34
N LEU A 46 -16.65 16.64 14.53
CA LEU A 46 -17.95 16.57 13.88
C LEU A 46 -19.06 16.40 14.90
N ARG A 47 -18.85 15.55 15.90
CA ARG A 47 -19.86 15.40 16.95
C ARG A 47 -20.04 16.69 17.73
N ALA A 48 -18.93 17.35 18.08
CA ALA A 48 -19.02 18.58 18.87
C ALA A 48 -19.70 19.70 18.10
N ALA A 49 -19.56 19.73 16.78
CA ALA A 49 -20.17 20.76 15.95
C ALA A 49 -21.57 20.39 15.45
N GLY A 50 -22.09 19.24 15.88
CA GLY A 50 -23.35 18.74 15.35
C GLY A 50 -24.55 19.24 16.12
N PRO A 51 -25.73 18.65 15.86
CA PRO A 51 -25.94 17.46 15.00
C PRO A 51 -25.98 17.77 13.51
N LEU A 52 -25.93 19.05 13.13
CA LEU A 52 -25.89 19.47 11.75
C LEU A 52 -24.80 20.52 11.59
N THR A 53 -23.83 20.27 10.70
CA THR A 53 -22.71 21.17 10.56
C THR A 53 -22.23 21.17 9.11
N ARG A 54 -21.57 22.26 8.74
CA ARG A 54 -21.02 22.39 7.39
C ARG A 54 -19.69 21.68 7.29
N ILE A 55 -19.47 20.98 6.17
CA ILE A 55 -18.21 20.32 5.88
C ILE A 55 -17.76 20.69 4.48
N ASP A 56 -16.48 20.46 4.22
CA ASP A 56 -15.86 20.71 2.93
C ASP A 56 -15.30 19.39 2.41
N LEU A 57 -15.79 18.94 1.26
CA LEU A 57 -15.38 17.70 0.61
C LEU A 57 -14.58 18.05 -0.63
N LEU A 58 -13.26 18.14 -0.47
CA LEU A 58 -12.34 18.45 -1.58
C LEU A 58 -12.80 19.66 -2.39
N GLY A 59 -13.09 20.74 -1.67
CA GLY A 59 -13.50 21.98 -2.30
C GLY A 59 -14.98 22.15 -2.55
N VAL A 60 -15.78 21.13 -2.25
CA VAL A 60 -17.23 21.15 -2.48
C VAL A 60 -17.93 21.21 -1.13
N PRO A 61 -18.83 22.16 -0.92
CA PRO A 61 -19.52 22.28 0.37
C PRO A 61 -20.74 21.39 0.48
N ALA A 62 -20.99 20.93 1.71
CA ALA A 62 -22.17 20.14 2.03
C ALA A 62 -22.44 20.25 3.52
N LEU A 63 -23.63 19.80 3.91
CA LEU A 63 -23.98 19.66 5.32
C LEU A 63 -23.74 18.23 5.77
N ALA A 64 -23.30 18.07 7.01
CA ALA A 64 -23.05 16.76 7.60
C ALA A 64 -24.02 16.55 8.76
N VAL A 65 -24.72 15.42 8.75
CA VAL A 65 -25.57 15.02 9.85
C VAL A 65 -24.75 14.12 10.77
N THR A 66 -24.47 14.60 11.98
CA THR A 66 -23.60 13.88 12.91
C THR A 66 -24.33 13.41 14.16
N GLY A 67 -25.64 13.66 14.27
CA GLY A 67 -26.42 13.30 15.45
C GLY A 67 -27.32 12.11 15.15
N HIS A 68 -27.48 11.24 16.15
CA HIS A 68 -28.24 10.01 15.97
C HIS A 68 -29.72 10.30 15.70
N THR A 69 -30.36 11.08 16.58
CA THR A 69 -31.80 11.33 16.42
C THR A 69 -32.09 12.12 15.16
N LEU A 70 -31.26 13.12 14.85
CA LEU A 70 -31.49 13.89 13.63
C LEU A 70 -31.31 13.03 12.38
N ALA A 71 -30.36 12.08 12.42
CA ALA A 71 -30.16 11.17 11.30
C ALA A 71 -31.40 10.33 11.04
N ARG A 72 -31.94 9.69 12.09
CA ARG A 72 -33.14 8.88 11.93
C ARG A 72 -34.29 9.70 11.36
N GLN A 73 -34.41 10.96 11.76
CA GLN A 73 -35.47 11.82 11.25
C GLN A 73 -35.26 12.14 9.77
N LEU A 74 -34.03 12.52 9.40
CA LEU A 74 -33.78 12.93 8.03
C LEU A 74 -33.73 11.75 7.07
N LEU A 75 -33.32 10.57 7.55
CA LEU A 75 -33.29 9.39 6.70
C LEU A 75 -34.68 8.91 6.31
N THR A 76 -35.72 9.38 7.01
CA THR A 76 -37.09 9.08 6.65
C THR A 76 -37.83 10.29 6.09
N ASP A 77 -37.14 11.40 5.90
CA ASP A 77 -37.76 12.61 5.36
C ASP A 77 -37.81 12.52 3.84
N THR A 78 -39.04 12.56 3.30
CA THR A 78 -39.22 12.43 1.86
C THR A 78 -38.67 13.60 1.06
N ARG A 79 -38.26 14.67 1.72
CA ARG A 79 -37.72 15.84 1.03
C ARG A 79 -36.22 15.73 0.76
N LEU A 80 -35.57 14.66 1.21
CA LEU A 80 -34.16 14.41 0.95
C LEU A 80 -34.05 13.22 0.00
N VAL A 81 -33.52 13.47 -1.20
CA VAL A 81 -33.44 12.45 -2.25
C VAL A 81 -31.99 12.22 -2.63
N LYS A 82 -31.72 11.04 -3.19
CA LYS A 82 -30.38 10.68 -3.64
C LYS A 82 -30.06 11.22 -5.03
N ASP A 83 -31.07 11.56 -5.83
CA ASP A 83 -30.85 11.92 -7.23
C ASP A 83 -29.95 13.16 -7.34
N ILE A 84 -28.80 12.98 -8.00
CA ILE A 84 -27.84 14.05 -8.16
C ILE A 84 -28.43 15.22 -8.93
N ASN A 85 -29.47 15.00 -9.74
CA ASN A 85 -30.08 16.10 -10.48
C ASN A 85 -30.79 17.08 -9.56
N ALA A 86 -31.03 16.72 -8.30
CA ALA A 86 -31.59 17.64 -7.31
C ALA A 86 -30.53 18.52 -6.66
N TRP A 87 -29.26 18.32 -7.00
CA TRP A 87 -28.16 19.06 -6.39
C TRP A 87 -27.97 20.39 -7.13
N SER A 88 -28.09 21.51 -6.41
CA SER A 88 -27.97 22.80 -7.06
C SER A 88 -26.57 23.03 -7.64
N LEU A 89 -25.54 22.45 -7.01
CA LEU A 89 -24.19 22.55 -7.54
C LEU A 89 -24.04 21.73 -8.82
N TRP A 90 -24.78 20.62 -8.93
CA TRP A 90 -24.76 19.85 -10.17
C TRP A 90 -25.56 20.54 -11.25
N GLN A 91 -26.69 21.14 -10.88
CA GLN A 91 -27.51 21.89 -11.84
C GLN A 91 -26.72 23.06 -12.45
N SER A 92 -25.99 23.79 -11.62
CA SER A 92 -25.23 24.96 -12.08
C SER A 92 -23.91 24.60 -12.75
N GLY A 93 -23.57 23.31 -12.83
CA GLY A 93 -22.30 22.92 -13.40
C GLY A 93 -21.09 23.21 -12.55
N THR A 94 -21.29 23.57 -11.28
CA THR A 94 -20.16 23.87 -10.39
C THR A 94 -19.35 22.60 -10.09
N VAL A 95 -20.04 21.49 -9.82
CA VAL A 95 -19.40 20.20 -9.62
C VAL A 95 -19.51 19.41 -10.91
N THR A 96 -18.39 18.80 -11.33
CA THR A 96 -18.33 18.02 -12.56
C THR A 96 -17.74 16.64 -12.31
N ARG A 97 -17.48 15.89 -13.38
CA ARG A 97 -16.83 14.58 -13.26
C ARG A 97 -15.36 14.68 -12.88
N GLN A 98 -14.79 15.88 -12.83
CA GLN A 98 -13.42 16.05 -12.35
C GLN A 98 -13.33 16.03 -10.83
N TRP A 99 -14.46 16.12 -10.14
CA TRP A 99 -14.45 16.03 -8.69
C TRP A 99 -14.09 14.60 -8.27
N PRO A 100 -13.06 14.42 -7.44
CA PRO A 100 -12.59 13.05 -7.15
C PRO A 100 -13.62 12.16 -6.45
N LEU A 101 -14.67 12.73 -5.87
CA LEU A 101 -15.68 11.94 -5.19
C LEU A 101 -16.93 11.70 -6.05
N ILE A 102 -16.90 12.07 -7.34
CA ILE A 102 -18.11 12.01 -8.14
C ILE A 102 -18.56 10.58 -8.38
N GLY A 103 -17.64 9.62 -8.36
CA GLY A 103 -18.02 8.23 -8.54
C GLY A 103 -18.88 7.68 -7.42
N MET A 104 -18.97 8.38 -6.30
CA MET A 104 -19.82 7.95 -5.20
C MET A 104 -21.27 8.41 -5.36
N ILE A 105 -21.54 9.31 -6.31
CA ILE A 105 -22.85 9.96 -6.41
C ILE A 105 -23.43 9.81 -7.81
N ASP A 106 -22.65 10.16 -8.83
CA ASP A 106 -23.13 10.16 -10.21
C ASP A 106 -23.00 8.75 -10.80
N VAL A 107 -23.91 7.87 -10.37
CA VAL A 107 -23.90 6.48 -10.76
C VAL A 107 -25.18 6.14 -11.50
N ASP A 108 -25.22 4.94 -12.08
CA ASP A 108 -26.36 4.48 -12.85
C ASP A 108 -27.60 4.30 -11.95
N ARG A 109 -28.77 4.33 -12.59
CA ARG A 109 -30.02 4.13 -11.87
C ARG A 109 -30.01 2.79 -11.14
N SER A 110 -30.38 2.82 -9.87
CA SER A 110 -30.38 1.63 -9.02
C SER A 110 -31.16 1.93 -7.76
N MET A 111 -31.25 0.95 -6.87
CA MET A 111 -31.87 1.18 -5.57
C MET A 111 -31.16 2.29 -4.79
N ALA A 112 -29.90 2.58 -5.10
CA ALA A 112 -29.14 3.60 -4.39
C ALA A 112 -29.46 5.02 -4.84
N THR A 113 -30.07 5.20 -6.01
CA THR A 113 -30.29 6.52 -6.57
C THR A 113 -31.76 6.94 -6.62
N VAL A 114 -32.68 6.06 -6.26
CA VAL A 114 -34.10 6.32 -6.44
C VAL A 114 -34.75 6.45 -5.08
N ASP A 115 -35.81 7.26 -5.03
CA ASP A 115 -36.61 7.43 -3.83
C ASP A 115 -38.08 7.39 -4.21
N GLY A 116 -38.93 7.15 -3.20
CA GLY A 116 -40.35 7.13 -3.40
C GLY A 116 -40.90 5.78 -3.80
N PRO A 117 -42.05 5.77 -4.45
CA PRO A 117 -42.68 4.49 -4.80
C PRO A 117 -41.83 3.61 -5.70
N GLU A 118 -41.09 4.21 -6.64
CA GLU A 118 -40.26 3.44 -7.55
C GLU A 118 -39.10 2.73 -6.84
N HIS A 119 -38.72 3.20 -5.65
CA HIS A 119 -37.59 2.61 -4.93
C HIS A 119 -37.84 1.14 -4.58
N ARG A 120 -39.06 0.81 -4.14
CA ARG A 120 -39.34 -0.55 -3.67
C ARG A 120 -39.16 -1.57 -4.79
N ARG A 121 -39.53 -1.22 -6.01
CA ARG A 121 -39.40 -2.15 -7.13
C ARG A 121 -37.94 -2.50 -7.39
N LEU A 122 -37.03 -1.55 -7.18
CA LEU A 122 -35.61 -1.80 -7.38
C LEU A 122 -34.95 -2.56 -6.23
N ARG A 123 -35.67 -2.78 -5.13
CA ARG A 123 -35.10 -3.44 -3.97
C ARG A 123 -35.69 -4.82 -3.70
N ILE A 124 -36.88 -5.12 -4.23
CA ILE A 124 -37.66 -6.25 -3.73
C ILE A 124 -36.93 -7.57 -3.99
N LYS A 125 -36.41 -7.77 -5.19
CA LYS A 125 -35.75 -9.03 -5.50
C LYS A 125 -34.50 -9.22 -4.64
N THR A 126 -33.78 -8.13 -4.36
CA THR A 126 -32.57 -8.21 -3.55
C THR A 126 -32.89 -8.52 -2.09
N THR A 127 -33.89 -7.85 -1.52
CA THR A 127 -34.23 -8.11 -0.12
C THR A 127 -34.76 -9.54 0.04
N GLN A 128 -35.50 -10.03 -0.95
CA GLN A 128 -35.99 -11.40 -0.88
C GLN A 128 -34.83 -12.40 -0.89
N ALA A 129 -33.78 -12.11 -1.66
CA ALA A 129 -32.63 -13.01 -1.72
C ALA A 129 -31.71 -12.88 -0.52
N LEU A 130 -31.88 -11.85 0.31
CA LEU A 130 -30.96 -11.59 1.41
C LEU A 130 -31.61 -11.73 2.78
N THR A 131 -32.74 -12.43 2.85
CA THR A 131 -33.31 -12.75 4.15
C THR A 131 -32.47 -13.81 4.85
N ARG A 132 -32.60 -13.88 6.17
CA ARG A 132 -31.86 -14.88 6.94
C ARG A 132 -32.15 -16.29 6.44
N ARG A 133 -33.42 -16.58 6.13
CA ARG A 133 -33.77 -17.90 5.62
C ARG A 133 -33.15 -18.15 4.25
N ALA A 134 -33.16 -17.14 3.37
CA ALA A 134 -32.55 -17.32 2.06
C ALA A 134 -31.04 -17.51 2.18
N LEU A 135 -30.42 -16.85 3.16
CA LEU A 135 -28.97 -16.94 3.32
C LEU A 135 -28.53 -18.28 3.91
N ASP A 136 -29.45 -19.04 4.52
CA ASP A 136 -29.07 -20.37 5.00
C ASP A 136 -28.57 -21.25 3.86
N ALA A 137 -29.08 -21.05 2.64
CA ALA A 137 -28.61 -21.78 1.48
C ALA A 137 -27.18 -21.40 1.09
N LEU A 138 -26.74 -20.20 1.47
CA LEU A 138 -25.39 -19.73 1.15
C LEU A 138 -24.38 -20.05 2.24
N LYS A 139 -24.85 -20.44 3.43
CA LYS A 139 -23.94 -20.67 4.55
C LYS A 139 -22.85 -21.69 4.26
N PRO A 140 -23.13 -22.86 3.67
CA PRO A 140 -22.02 -23.79 3.39
C PRO A 140 -20.97 -23.22 2.47
N THR A 141 -21.34 -22.35 1.52
CA THR A 141 -20.36 -21.68 0.66
C THR A 141 -19.47 -20.76 1.48
N ILE A 142 -20.06 -19.98 2.39
CA ILE A 142 -19.27 -19.11 3.26
C ILE A 142 -18.30 -19.94 4.10
N GLU A 143 -18.79 -21.05 4.65
CA GLU A 143 -17.93 -21.92 5.46
C GLU A 143 -16.73 -22.42 4.67
N ARG A 144 -16.94 -22.80 3.41
CA ARG A 144 -15.85 -23.33 2.59
C ARG A 144 -14.79 -22.27 2.33
N TYR A 145 -15.21 -21.04 2.03
CA TYR A 145 -14.26 -19.97 1.77
C TYR A 145 -13.50 -19.58 3.04
N VAL A 146 -14.18 -19.55 4.18
CA VAL A 146 -13.48 -19.25 5.44
C VAL A 146 -12.43 -20.33 5.72
N ALA A 147 -12.79 -21.60 5.51
CA ALA A 147 -11.85 -22.69 5.74
C ALA A 147 -10.67 -22.62 4.78
N GLU A 148 -10.92 -22.30 3.52
CA GLU A 148 -9.84 -22.22 2.53
C GLU A 148 -8.87 -21.10 2.87
N LEU A 149 -9.39 -19.95 3.28
CA LEU A 149 -8.52 -18.81 3.58
C LEU A 149 -7.82 -18.96 4.92
N LEU A 150 -8.42 -19.68 5.87
CA LEU A 150 -7.70 -20.04 7.09
C LEU A 150 -6.51 -20.96 6.76
N ASP A 151 -6.68 -21.85 5.79
CA ASP A 151 -5.55 -22.66 5.33
C ASP A 151 -4.45 -21.79 4.74
N ASP A 152 -4.83 -20.73 4.00
CA ASP A 152 -3.85 -19.78 3.48
C ASP A 152 -3.10 -19.08 4.61
N LEU A 153 -3.83 -18.66 5.64
CA LEU A 153 -3.17 -18.06 6.81
C LEU A 153 -2.17 -19.03 7.42
N GLU A 154 -2.54 -20.30 7.53
CA GLU A 154 -1.66 -21.29 8.13
C GLU A 154 -0.38 -21.45 7.34
N ARG A 155 -0.49 -21.53 6.01
CA ARG A 155 0.72 -21.65 5.19
C ARG A 155 1.54 -20.37 5.24
N ALA A 156 0.89 -19.21 5.21
CA ALA A 156 1.61 -17.94 5.21
C ALA A 156 2.32 -17.69 6.54
N GLY A 157 1.74 -18.13 7.65
CA GLY A 157 2.31 -17.95 8.96
C GLY A 157 3.23 -19.04 9.43
N ALA A 158 3.63 -19.95 8.54
CA ALA A 158 4.52 -21.03 8.90
C ALA A 158 5.86 -20.47 9.40
N ASP A 159 6.47 -21.20 10.33
CA ASP A 159 7.78 -20.85 10.89
C ASP A 159 7.77 -19.46 11.52
N GLY A 160 6.64 -19.08 12.11
CA GLY A 160 6.53 -17.82 12.83
C GLY A 160 6.60 -16.57 11.99
N ALA A 161 6.38 -16.67 10.68
CA ALA A 161 6.48 -15.52 9.81
C ALA A 161 5.32 -14.55 10.04
N VAL A 162 5.54 -13.28 9.72
CA VAL A 162 4.49 -12.28 9.82
C VAL A 162 3.57 -12.42 8.62
N VAL A 163 2.26 -12.25 8.85
CA VAL A 163 1.24 -12.42 7.83
C VAL A 163 0.39 -11.16 7.77
N ASP A 164 0.01 -10.75 6.56
CA ASP A 164 -0.97 -9.69 6.40
C ASP A 164 -2.37 -10.31 6.47
N LEU A 165 -3.03 -10.13 7.62
CA LEU A 165 -4.38 -10.66 7.79
C LEU A 165 -5.35 -10.12 6.74
N LYS A 166 -5.14 -8.88 6.29
CA LYS A 166 -6.01 -8.33 5.27
C LYS A 166 -5.84 -9.06 3.94
N SER A 167 -4.62 -9.05 3.39
CA SER A 167 -4.43 -9.59 2.05
C SER A 167 -4.70 -11.09 2.00
N VAL A 168 -4.39 -11.82 3.08
CA VAL A 168 -4.53 -13.28 3.04
C VAL A 168 -5.93 -13.74 3.40
N PHE A 169 -6.63 -13.01 4.27
CA PHE A 169 -7.91 -13.51 4.79
C PHE A 169 -9.05 -12.52 4.58
N ALA A 170 -8.97 -11.34 5.20
CA ALA A 170 -10.14 -10.46 5.25
C ALA A 170 -10.44 -9.82 3.90
N TYR A 171 -9.43 -9.57 3.07
CA TYR A 171 -9.67 -8.90 1.78
C TYR A 171 -10.33 -9.84 0.77
N PRO A 172 -9.88 -11.09 0.57
CA PRO A 172 -10.53 -11.91 -0.45
C PRO A 172 -11.89 -12.46 -0.04
N LEU A 173 -12.12 -12.69 1.26
CA LEU A 173 -13.31 -13.43 1.67
C LEU A 173 -14.63 -12.79 1.23
N PRO A 174 -14.90 -11.51 1.52
CA PRO A 174 -16.20 -10.95 1.08
C PRO A 174 -16.35 -10.89 -0.42
N MET A 175 -15.26 -10.76 -1.16
CA MET A 175 -15.36 -10.80 -2.62
C MET A 175 -15.81 -12.18 -3.10
N ARG A 176 -15.27 -13.24 -2.50
N ARG A 176 -15.22 -13.24 -2.53
CA ARG A 176 -15.67 -14.58 -2.91
CA ARG A 176 -15.65 -14.60 -2.86
C ARG A 176 -17.12 -14.89 -2.51
C ARG A 176 -17.14 -14.78 -2.57
N VAL A 177 -17.59 -14.33 -1.39
CA VAL A 177 -18.98 -14.55 -0.99
C VAL A 177 -19.92 -13.76 -1.90
N ILE A 178 -19.65 -12.48 -2.11
CA ILE A 178 -20.57 -11.68 -2.92
C ILE A 178 -20.50 -12.10 -4.39
N SER A 179 -19.35 -12.62 -4.83
CA SER A 179 -19.25 -13.12 -6.20
C SER A 179 -20.06 -14.40 -6.38
N ALA A 180 -20.05 -15.28 -5.38
CA ALA A 180 -20.86 -16.49 -5.44
C ALA A 180 -22.35 -16.13 -5.49
N LEU A 181 -22.76 -15.16 -4.68
CA LEU A 181 -24.17 -14.76 -4.66
C LEU A 181 -24.59 -14.15 -6.00
N MET A 182 -23.75 -13.27 -6.56
CA MET A 182 -24.11 -12.54 -7.76
C MET A 182 -23.77 -13.29 -9.04
N GLY A 183 -22.85 -14.25 -8.99
CA GLY A 183 -22.47 -14.96 -10.19
C GLY A 183 -21.24 -14.42 -10.90
N VAL A 184 -20.32 -13.81 -10.17
CA VAL A 184 -19.06 -13.33 -10.74
C VAL A 184 -18.10 -14.50 -10.84
N PRO A 185 -17.55 -14.79 -12.02
CA PRO A 185 -16.63 -15.92 -12.15
C PRO A 185 -15.40 -15.76 -11.28
N SER A 186 -14.89 -16.90 -10.78
CA SER A 186 -13.74 -16.87 -9.88
C SER A 186 -12.52 -16.22 -10.53
N GLU A 187 -12.34 -16.44 -11.84
CA GLU A 187 -11.16 -15.91 -12.51
C GLU A 187 -11.21 -14.40 -12.68
N ASP A 188 -12.38 -13.77 -12.51
CA ASP A 188 -12.53 -12.34 -12.69
C ASP A 188 -12.39 -11.55 -11.40
N GLN A 189 -12.25 -12.21 -10.26
CA GLN A 189 -12.35 -11.48 -9.00
C GLN A 189 -11.11 -10.67 -8.70
N GLU A 190 -9.92 -11.13 -9.10
CA GLU A 190 -8.72 -10.34 -8.87
C GLU A 190 -8.78 -9.01 -9.61
N GLN A 191 -9.34 -9.00 -10.82
CA GLN A 191 -9.47 -7.75 -11.58
C GLN A 191 -10.44 -6.79 -10.90
N LEU A 192 -11.55 -7.30 -10.37
CA LEU A 192 -12.48 -6.46 -9.64
C LEU A 192 -11.82 -5.83 -8.42
N LEU A 193 -11.04 -6.62 -7.67
CA LEU A 193 -10.33 -6.07 -6.52
C LEU A 193 -9.40 -4.94 -6.94
N THR A 194 -8.67 -5.12 -8.03
CA THR A 194 -7.77 -4.08 -8.51
C THR A 194 -8.55 -2.82 -8.87
N TRP A 195 -9.71 -2.99 -9.52
CA TRP A 195 -10.53 -1.84 -9.90
C TRP A 195 -11.02 -1.09 -8.66
N TYR A 196 -11.57 -1.82 -7.68
CA TYR A 196 -12.15 -1.14 -6.52
C TYR A 196 -11.08 -0.39 -5.72
N LYS A 197 -9.87 -0.95 -5.64
CA LYS A 197 -8.81 -0.25 -4.95
C LYS A 197 -8.51 1.10 -5.60
N ALA A 198 -8.49 1.13 -6.93
CA ALA A 198 -8.29 2.40 -7.62
C ALA A 198 -9.51 3.29 -7.51
N PHE A 199 -10.70 2.69 -7.51
CA PHE A 199 -11.94 3.47 -7.42
C PHE A 199 -12.03 4.22 -6.10
N PHE A 200 -11.64 3.57 -4.99
CA PHE A 200 -11.81 4.18 -3.68
C PHE A 200 -10.66 5.08 -3.27
N SER A 201 -9.46 4.87 -3.81
CA SER A 201 -8.30 5.63 -3.36
C SER A 201 -8.35 7.07 -3.87
N ILE A 202 -8.15 8.02 -2.95
CA ILE A 202 -8.10 9.41 -3.35
C ILE A 202 -6.86 9.71 -4.17
N LEU A 203 -5.82 8.88 -4.05
CA LEU A 203 -4.57 9.10 -4.78
C LEU A 203 -4.69 8.74 -6.26
N THR A 204 -5.75 8.07 -6.68
CA THR A 204 -5.90 7.72 -8.08
C THR A 204 -6.05 8.99 -8.91
N PRO A 205 -5.24 9.18 -9.95
CA PRO A 205 -5.47 10.32 -10.86
C PRO A 205 -6.87 10.28 -11.42
N GLN A 206 -7.50 11.45 -11.53
CA GLN A 206 -8.92 11.49 -11.84
C GLN A 206 -9.20 10.94 -13.23
N ASP A 207 -8.30 11.15 -14.20
CA ASP A 207 -8.49 10.57 -15.52
C ASP A 207 -8.46 9.05 -15.45
N GLU A 208 -7.57 8.50 -14.63
CA GLU A 208 -7.52 7.06 -14.46
C GLU A 208 -8.75 6.54 -13.72
N ARG A 209 -9.22 7.28 -12.72
CA ARG A 209 -10.39 6.84 -11.97
C ARG A 209 -11.63 6.77 -12.86
N LEU A 210 -11.85 7.81 -13.67
CA LEU A 210 -12.98 7.79 -14.60
C LEU A 210 -12.83 6.66 -15.61
N ARG A 211 -11.60 6.35 -16.01
CA ARG A 211 -11.36 5.23 -16.89
C ARG A 211 -11.67 3.91 -16.18
N VAL A 212 -11.26 3.78 -14.92
CA VAL A 212 -11.60 2.58 -14.15
C VAL A 212 -13.12 2.45 -14.00
N ILE A 213 -13.80 3.56 -13.75
CA ILE A 213 -15.26 3.55 -13.63
C ILE A 213 -15.89 3.04 -14.93
N ASP A 214 -15.36 3.46 -16.08
N ASP A 214 -15.36 3.48 -16.07
CA ASP A 214 -15.90 2.98 -17.35
CA ASP A 214 -15.87 3.00 -17.35
C ASP A 214 -15.59 1.51 -17.56
C ASP A 214 -15.59 1.52 -17.55
N GLU A 215 -14.38 1.07 -17.19
CA GLU A 215 -14.04 -0.34 -17.35
C GLU A 215 -14.90 -1.23 -16.45
N MET A 216 -15.18 -0.79 -15.23
CA MET A 216 -16.10 -1.54 -14.38
C MET A 216 -17.50 -1.60 -14.98
N HIS A 217 -17.97 -0.48 -15.53
CA HIS A 217 -19.28 -0.47 -16.16
C HIS A 217 -19.32 -1.44 -17.35
N GLY A 218 -18.25 -1.46 -18.15
CA GLY A 218 -18.19 -2.39 -19.27
C GLY A 218 -18.20 -3.84 -18.83
N TYR A 219 -17.49 -4.14 -17.74
CA TYR A 219 -17.46 -5.51 -17.23
C TYR A 219 -18.85 -5.97 -16.78
N PHE A 220 -19.52 -5.15 -15.96
CA PHE A 220 -20.83 -5.55 -15.47
C PHE A 220 -21.88 -5.54 -16.57
N THR A 221 -21.71 -4.69 -17.59
CA THR A 221 -22.61 -4.74 -18.73
C THR A 221 -22.52 -6.09 -19.43
N GLU A 222 -21.29 -6.56 -19.66
CA GLU A 222 -21.12 -7.86 -20.32
C GLU A 222 -21.56 -9.01 -19.41
N MET A 223 -21.39 -8.87 -18.09
CA MET A 223 -21.86 -9.90 -17.18
C MET A 223 -23.37 -10.05 -17.26
N VAL A 224 -24.09 -8.93 -17.37
CA VAL A 224 -25.55 -8.99 -17.50
C VAL A 224 -25.94 -9.58 -18.85
N ARG A 225 -25.20 -9.26 -19.91
CA ARG A 225 -25.45 -9.92 -21.19
C ARG A 225 -25.22 -11.42 -21.07
N ARG A 226 -24.15 -11.82 -20.37
CA ARG A 226 -23.83 -13.23 -20.24
C ARG A 226 -24.91 -13.97 -19.46
N LYS A 227 -25.42 -13.36 -18.40
CA LYS A 227 -26.46 -14.00 -17.61
C LYS A 227 -27.82 -13.96 -18.32
N THR A 228 -28.03 -12.98 -19.20
CA THR A 228 -29.28 -12.95 -19.96
C THR A 228 -29.35 -14.12 -20.93
N ALA A 229 -28.23 -14.42 -21.60
CA ALA A 229 -28.23 -15.54 -22.54
C ALA A 229 -28.22 -16.88 -21.82
N GLU A 230 -27.52 -16.96 -20.67
CA GLU A 230 -27.37 -18.21 -19.93
C GLU A 230 -27.55 -17.93 -18.45
N PRO A 231 -28.80 -17.82 -17.99
CA PRO A 231 -29.05 -17.54 -16.57
C PRO A 231 -28.61 -18.70 -15.69
N GLY A 232 -28.32 -18.35 -14.44
CA GLY A 232 -27.85 -19.32 -13.47
C GLY A 232 -28.50 -19.20 -12.12
N ASP A 233 -27.98 -19.95 -11.14
CA ASP A 233 -28.51 -19.93 -9.77
C ASP A 233 -27.80 -18.83 -8.99
N ASP A 234 -28.14 -17.59 -9.33
CA ASP A 234 -27.49 -16.44 -8.73
C ASP A 234 -28.44 -15.24 -8.76
N LEU A 235 -28.09 -14.22 -7.98
CA LEU A 235 -28.99 -13.08 -7.82
C LEU A 235 -29.09 -12.26 -9.10
N THR A 236 -27.98 -12.15 -9.85
CA THR A 236 -28.02 -11.40 -11.10
C THR A 236 -29.08 -11.94 -12.05
N SER A 237 -29.12 -13.26 -12.20
CA SER A 237 -30.16 -13.88 -13.02
C SER A 237 -31.56 -13.57 -12.50
N ALA A 238 -31.72 -13.53 -11.18
CA ALA A 238 -33.01 -13.21 -10.60
C ALA A 238 -33.43 -11.78 -10.92
N LEU A 239 -32.46 -10.85 -10.93
CA LEU A 239 -32.76 -9.47 -11.31
C LEU A 239 -33.13 -9.38 -12.79
N ILE A 240 -32.49 -10.19 -13.62
CA ILE A 240 -32.74 -10.17 -15.05
C ILE A 240 -34.11 -10.75 -15.36
N TYR A 241 -34.43 -11.90 -14.77
CA TYR A 241 -35.68 -12.60 -15.00
C TYR A 241 -36.42 -12.62 -13.66
N ALA A 242 -37.28 -11.63 -13.45
CA ALA A 242 -38.05 -11.54 -12.22
C ALA A 242 -39.29 -12.41 -12.24
N THR A 243 -39.55 -13.12 -13.34
CA THR A 243 -40.69 -14.04 -13.41
C THR A 243 -41.96 -13.22 -13.20
N ASP A 244 -42.96 -13.76 -12.50
CA ASP A 244 -44.23 -13.09 -12.32
C ASP A 244 -44.08 -11.80 -11.50
N GLY A 245 -44.69 -10.72 -12.02
CA GLY A 245 -44.82 -9.49 -11.27
C GLY A 245 -43.98 -8.31 -11.71
N GLU A 246 -44.63 -7.16 -11.92
CA GLU A 246 -43.93 -5.89 -12.08
C GLU A 246 -43.29 -5.70 -13.45
N THR A 247 -42.97 -4.46 -13.79
CA THR A 247 -42.24 -4.17 -15.01
C THR A 247 -40.82 -4.74 -14.90
N PRO A 248 -40.32 -5.38 -15.95
CA PRO A 248 -38.93 -5.88 -15.90
C PRO A 248 -37.95 -4.74 -15.68
N LEU A 249 -36.89 -5.05 -14.94
CA LEU A 249 -35.85 -4.04 -14.73
C LEU A 249 -35.17 -3.73 -16.05
N THR A 250 -34.81 -2.46 -16.24
CA THR A 250 -34.06 -2.11 -17.43
C THR A 250 -32.63 -2.63 -17.31
N GLU A 251 -31.90 -2.60 -18.43
CA GLU A 251 -30.50 -2.98 -18.39
C GLU A 251 -29.73 -2.08 -17.43
N GLU A 252 -30.02 -0.77 -17.45
CA GLU A 252 -29.33 0.16 -16.56
C GLU A 252 -29.63 -0.16 -15.09
N GLU A 253 -30.86 -0.56 -14.79
CA GLU A 253 -31.24 -0.84 -13.41
C GLU A 253 -30.59 -2.13 -12.92
N VAL A 254 -30.52 -3.16 -13.77
CA VAL A 254 -29.86 -4.40 -13.37
C VAL A 254 -28.37 -4.15 -13.13
N ILE A 255 -27.70 -3.49 -14.08
CA ILE A 255 -26.28 -3.18 -13.91
C ILE A 255 -26.07 -2.32 -12.66
N GLY A 256 -26.96 -1.35 -12.44
CA GLY A 256 -26.80 -0.47 -11.29
C GLY A 256 -26.92 -1.20 -9.96
N ASN A 257 -27.93 -2.06 -9.84
CA ASN A 257 -28.05 -2.86 -8.62
C ASN A 257 -26.85 -3.78 -8.46
N LEU A 258 -26.44 -4.43 -9.54
CA LEU A 258 -25.28 -5.31 -9.50
C LEU A 258 -24.05 -4.55 -9.02
N GLN A 259 -23.83 -3.36 -9.57
CA GLN A 259 -22.68 -2.55 -9.20
C GLN A 259 -22.71 -2.19 -7.72
N ALA A 260 -23.87 -1.77 -7.21
CA ALA A 260 -23.96 -1.39 -5.80
C ALA A 260 -23.78 -2.59 -4.89
N LEU A 261 -24.36 -3.74 -5.25
CA LEU A 261 -24.28 -4.92 -4.39
C LEU A 261 -22.85 -5.43 -4.26
N VAL A 262 -22.10 -5.45 -5.37
CA VAL A 262 -20.72 -5.95 -5.31
C VAL A 262 -19.83 -4.97 -4.57
N ALA A 263 -19.94 -3.68 -4.89
CA ALA A 263 -19.10 -2.67 -4.26
C ALA A 263 -19.29 -2.66 -2.75
N ALA A 264 -20.53 -2.51 -2.30
CA ALA A 264 -20.81 -2.46 -0.87
C ALA A 264 -20.57 -3.82 -0.22
N GLY A 265 -20.99 -4.89 -0.87
CA GLY A 265 -20.84 -6.22 -0.30
C GLY A 265 -19.40 -6.58 -0.03
N HIS A 266 -18.49 -6.09 -0.86
CA HIS A 266 -17.06 -6.32 -0.66
CA HIS A 266 -17.07 -6.34 -0.64
C HIS A 266 -16.45 -5.28 0.28
N GLU A 267 -16.57 -4.00 -0.09
CA GLU A 267 -15.85 -2.95 0.62
C GLU A 267 -16.19 -2.92 2.10
N ASP A 268 -17.48 -2.95 2.44
CA ASP A 268 -17.87 -2.75 3.84
C ASP A 268 -17.53 -3.97 4.69
N THR A 269 -17.69 -5.18 4.14
CA THR A 269 -17.49 -6.39 4.92
C THR A 269 -16.01 -6.59 5.26
N VAL A 270 -15.11 -6.23 4.33
CA VAL A 270 -13.68 -6.29 4.62
C VAL A 270 -13.36 -5.43 5.84
N SER A 271 -13.91 -4.22 5.88
CA SER A 271 -13.64 -3.33 7.01
C SER A 271 -14.19 -3.90 8.31
N LEU A 272 -15.42 -4.43 8.27
CA LEU A 272 -16.00 -4.99 9.50
C LEU A 272 -15.14 -6.10 10.07
N ILE A 273 -14.63 -6.99 9.21
CA ILE A 273 -13.82 -8.10 9.70
C ILE A 273 -12.54 -7.59 10.35
N LEU A 274 -11.87 -6.63 9.69
CA LEU A 274 -10.59 -6.14 10.20
C LEU A 274 -10.76 -5.33 11.48
N THR A 275 -11.77 -4.46 11.53
CA THR A 275 -11.96 -3.65 12.73
C THR A 275 -12.43 -4.49 13.90
N ALA A 276 -13.20 -5.54 13.65
CA ALA A 276 -13.61 -6.44 14.73
C ALA A 276 -12.40 -7.14 15.33
N VAL A 277 -11.51 -7.66 14.48
CA VAL A 277 -10.30 -8.30 14.99
C VAL A 277 -9.44 -7.29 15.74
N ARG A 278 -9.30 -6.07 15.20
CA ARG A 278 -8.50 -5.07 15.89
C ARG A 278 -9.09 -4.72 17.25
N ALA A 279 -10.42 -4.56 17.32
CA ALA A 279 -11.05 -4.19 18.58
C ALA A 279 -10.91 -5.31 19.61
N LEU A 280 -11.09 -6.56 19.19
CA LEU A 280 -11.04 -7.68 20.13
C LEU A 280 -9.61 -7.96 20.59
N LEU A 281 -8.64 -7.82 19.69
CA LEU A 281 -7.25 -8.05 20.08
C LEU A 281 -6.77 -6.99 21.06
N SER A 282 -7.23 -5.75 20.90
CA SER A 282 -6.83 -4.69 21.82
C SER A 282 -7.66 -4.68 23.10
N HIS A 283 -8.67 -5.55 23.21
CA HIS A 283 -9.48 -5.70 24.42
C HIS A 283 -9.58 -7.18 24.75
N PRO A 284 -8.47 -7.80 25.17
CA PRO A 284 -8.47 -9.26 25.34
C PRO A 284 -9.49 -9.75 26.35
N GLU A 285 -9.84 -8.95 27.36
CA GLU A 285 -10.88 -9.34 28.29
C GLU A 285 -12.22 -9.53 27.58
N GLN A 286 -12.53 -8.66 26.62
CA GLN A 286 -13.79 -8.77 25.89
C GLN A 286 -13.75 -9.91 24.87
N LEU A 287 -12.59 -10.13 24.25
CA LEU A 287 -12.44 -11.31 23.39
C LEU A 287 -12.65 -12.60 24.17
N ARG A 288 -12.25 -12.62 25.45
CA ARG A 288 -12.50 -13.80 26.26
C ARG A 288 -13.99 -14.01 26.48
N LEU A 289 -14.74 -12.92 26.63
CA LEU A 289 -16.18 -13.03 26.90
C LEU A 289 -16.91 -13.71 25.74
N VAL A 290 -16.54 -13.36 24.50
CA VAL A 290 -17.22 -13.95 23.35
C VAL A 290 -16.71 -15.37 23.08
N ARG A 291 -15.42 -15.62 23.33
N ARG A 291 -15.42 -15.62 23.31
CA ARG A 291 -14.89 -16.97 23.10
CA ARG A 291 -14.90 -16.97 23.10
C ARG A 291 -15.39 -17.96 24.16
C ARG A 291 -15.45 -17.95 24.14
N ASP A 292 -15.73 -17.48 25.35
CA ASP A 292 -16.25 -18.33 26.41
C ASP A 292 -17.77 -18.42 26.39
N GLY A 293 -18.44 -17.73 25.48
CA GLY A 293 -19.88 -17.83 25.35
C GLY A 293 -20.69 -16.98 26.30
N GLU A 294 -20.07 -16.05 27.02
CA GLU A 294 -20.80 -15.16 27.92
C GLU A 294 -21.42 -13.97 27.19
N ILE A 295 -20.87 -13.57 26.04
CA ILE A 295 -21.44 -12.54 25.19
C ILE A 295 -21.48 -13.10 23.77
N GLY A 296 -22.57 -12.85 23.07
CA GLY A 296 -22.71 -13.37 21.73
C GLY A 296 -21.79 -12.67 20.74
N TRP A 297 -21.35 -13.43 19.74
CA TRP A 297 -20.50 -12.85 18.70
C TRP A 297 -21.22 -11.72 17.97
N GLU A 298 -22.52 -11.86 17.76
CA GLU A 298 -23.28 -10.82 17.08
C GLU A 298 -23.36 -9.55 17.92
N THR A 299 -23.25 -9.67 19.24
CA THR A 299 -23.17 -8.48 20.08
C THR A 299 -21.82 -7.80 19.93
N ALA A 300 -20.74 -8.57 19.82
CA ALA A 300 -19.44 -7.98 19.55
C ALA A 300 -19.40 -7.33 18.17
N ILE A 301 -20.09 -7.94 17.20
CA ILE A 301 -20.16 -7.34 15.86
C ILE A 301 -20.94 -6.02 15.91
N ALA A 302 -22.04 -5.99 16.68
CA ALA A 302 -22.83 -4.77 16.78
C ALA A 302 -22.02 -3.62 17.37
N GLU A 303 -21.23 -3.91 18.42
CA GLU A 303 -20.43 -2.85 19.03
C GLU A 303 -19.28 -2.42 18.11
N THR A 304 -18.77 -3.34 17.29
CA THR A 304 -17.78 -2.94 16.29
C THR A 304 -18.40 -2.01 15.25
N LEU A 305 -19.62 -2.33 14.80
CA LEU A 305 -20.30 -1.46 13.84
C LEU A 305 -20.59 -0.09 14.43
N ARG A 306 -20.96 -0.04 15.71
CA ARG A 306 -21.26 1.24 16.34
C ARG A 306 -20.01 2.08 16.52
N TRP A 307 -18.90 1.45 16.93
CA TRP A 307 -17.71 2.15 17.36
C TRP A 307 -16.71 2.38 16.24
N ASP A 308 -16.65 1.49 15.26
CA ASP A 308 -15.58 1.50 14.27
C ASP A 308 -16.10 0.87 12.97
N GLY A 309 -17.23 1.38 12.47
CA GLY A 309 -17.92 0.76 11.36
C GLY A 309 -17.31 1.07 10.02
N PRO A 310 -17.84 0.41 8.98
CA PRO A 310 -17.23 0.52 7.64
C PRO A 310 -17.43 1.88 6.99
N VAL A 311 -18.57 2.52 7.21
CA VAL A 311 -18.89 3.79 6.55
C VAL A 311 -18.50 4.94 7.45
N ILE A 312 -17.74 5.89 6.90
CA ILE A 312 -17.43 7.13 7.61
C ILE A 312 -18.42 8.23 7.26
N HIS A 313 -18.62 8.46 5.97
CA HIS A 313 -19.59 9.41 5.45
C HIS A 313 -20.34 8.76 4.30
N LEU A 314 -21.65 9.01 4.23
CA LEU A 314 -22.49 8.49 3.16
C LEU A 314 -22.91 9.66 2.28
N LEU A 315 -22.44 9.65 1.05
CA LEU A 315 -22.76 10.66 0.04
C LEU A 315 -23.79 10.07 -0.92
N MET A 316 -24.84 10.83 -1.24
CA MET A 316 -25.16 12.16 -0.71
C MET A 316 -26.66 12.35 -0.91
N ARG A 317 -27.28 13.19 -0.08
CA ARG A 317 -28.70 13.49 -0.20
C ARG A 317 -28.90 14.97 -0.49
N PHE A 318 -30.03 15.31 -1.12
CA PHE A 318 -30.30 16.66 -1.57
C PHE A 318 -31.74 17.03 -1.25
N ALA A 319 -31.94 18.28 -0.81
CA ALA A 319 -33.25 18.75 -0.41
C ALA A 319 -34.04 19.21 -1.62
N THR A 320 -35.23 18.61 -1.83
CA THR A 320 -36.10 19.04 -2.91
C THR A 320 -36.80 20.36 -2.60
N GLU A 321 -36.84 20.76 -1.34
CA GLU A 321 -37.36 22.05 -0.93
C GLU A 321 -36.66 22.44 0.36
N ASP A 322 -36.97 23.64 0.85
CA ASP A 322 -36.42 24.06 2.13
C ASP A 322 -36.93 23.14 3.24
N ILE A 323 -36.02 22.69 4.09
CA ILE A 323 -36.35 21.81 5.21
C ILE A 323 -36.08 22.58 6.49
N ASP A 324 -37.14 22.84 7.26
CA ASP A 324 -37.03 23.61 8.50
C ASP A 324 -36.90 22.64 9.66
N LEU A 325 -35.82 22.79 10.43
CA LEU A 325 -35.59 21.97 11.60
C LEU A 325 -35.83 22.75 12.89
N GLY A 326 -36.41 23.95 12.79
CA GLY A 326 -36.62 24.80 13.94
C GLY A 326 -35.55 25.86 14.04
N ASP A 327 -34.39 25.48 14.59
CA ASP A 327 -33.27 26.39 14.73
C ASP A 327 -32.50 26.60 13.43
N ALA A 328 -32.64 25.70 12.46
CA ALA A 328 -31.86 25.77 11.23
C ALA A 328 -32.71 25.31 10.05
N VAL A 329 -32.26 25.66 8.85
CA VAL A 329 -32.96 25.35 7.61
C VAL A 329 -31.97 24.74 6.63
N ILE A 330 -32.33 23.59 6.06
CA ILE A 330 -31.57 22.99 4.96
C ILE A 330 -32.13 23.55 3.65
N PRO A 331 -31.40 24.41 2.95
CA PRO A 331 -31.95 25.05 1.75
C PRO A 331 -32.16 24.06 0.62
N ARG A 332 -33.14 24.35 -0.23
CA ARG A 332 -33.39 23.53 -1.41
C ARG A 332 -32.13 23.43 -2.26
N GLY A 333 -31.79 22.22 -2.67
CA GLY A 333 -30.63 21.97 -3.51
C GLY A 333 -29.35 21.70 -2.76
N GLU A 334 -29.35 21.82 -1.43
CA GLU A 334 -28.14 21.60 -0.65
C GLU A 334 -27.86 20.11 -0.51
N GLY A 335 -26.57 19.77 -0.47
CA GLY A 335 -26.14 18.39 -0.28
C GLY A 335 -25.98 18.07 1.19
N VAL A 336 -26.42 16.87 1.57
CA VAL A 336 -26.47 16.43 2.96
C VAL A 336 -25.79 15.08 3.06
N VAL A 337 -24.79 14.98 3.94
CA VAL A 337 -23.98 13.77 4.12
C VAL A 337 -24.32 13.16 5.46
N MET A 338 -24.50 11.84 5.49
CA MET A 338 -24.71 11.11 6.74
C MET A 338 -23.35 10.67 7.28
N SER A 339 -22.91 11.30 8.37
CA SER A 339 -21.62 10.96 8.97
C SER A 339 -21.83 9.85 9.99
N TYR A 340 -21.90 8.62 9.47
CA TYR A 340 -22.29 7.48 10.30
C TYR A 340 -21.27 7.19 11.39
N ARG A 341 -19.99 7.47 11.16
CA ARG A 341 -19.01 7.22 12.21
C ARG A 341 -19.25 8.15 13.40
N ALA A 342 -19.38 9.45 13.14
CA ALA A 342 -19.72 10.39 14.20
C ALA A 342 -21.05 10.02 14.85
N ILE A 343 -22.02 9.57 14.06
CA ILE A 343 -23.33 9.20 14.58
C ILE A 343 -23.20 8.06 15.59
N GLY A 344 -22.33 7.09 15.30
CA GLY A 344 -22.11 5.99 16.22
C GLY A 344 -21.52 6.41 17.56
N ARG A 345 -20.82 7.53 17.60
CA ARG A 345 -20.23 8.07 18.81
C ARG A 345 -21.15 9.04 19.55
N ASP A 346 -22.45 8.99 19.28
CA ASP A 346 -23.39 9.93 19.88
C ASP A 346 -23.47 9.71 21.38
N ILE A 347 -23.10 10.74 22.15
CA ILE A 347 -23.08 10.64 23.60
C ILE A 347 -24.49 10.65 24.18
N THR A 348 -25.42 11.35 23.52
CA THR A 348 -26.80 11.39 24.02
C THR A 348 -27.44 10.00 23.98
N VAL A 349 -27.05 9.16 23.04
CA VAL A 349 -27.66 7.84 22.91
C VAL A 349 -26.87 6.78 23.68
N HIS A 350 -25.54 6.83 23.61
CA HIS A 350 -24.71 5.76 24.14
C HIS A 350 -24.01 6.10 25.44
N GLY A 351 -24.07 7.34 25.89
CA GLY A 351 -23.49 7.73 27.17
C GLY A 351 -22.13 8.37 27.03
N ALA A 352 -21.55 8.70 28.19
CA ALA A 352 -20.28 9.41 28.22
C ALA A 352 -19.12 8.58 27.70
N ASP A 353 -19.25 7.25 27.68
CA ASP A 353 -18.20 6.37 27.21
C ASP A 353 -18.39 5.94 25.76
N ALA A 354 -19.04 6.78 24.94
CA ALA A 354 -19.34 6.38 23.58
C ALA A 354 -18.09 6.14 22.75
N ASP A 355 -16.98 6.79 23.09
CA ASP A 355 -15.73 6.62 22.36
C ASP A 355 -14.97 5.37 22.75
N ASP A 356 -15.51 4.55 23.64
CA ASP A 356 -14.86 3.32 24.10
C ASP A 356 -15.52 2.11 23.47
N PHE A 357 -14.71 1.08 23.23
CA PHE A 357 -15.21 -0.20 22.74
C PHE A 357 -15.62 -1.06 23.94
N ASP A 358 -16.91 -1.38 24.03
CA ASP A 358 -17.44 -2.13 25.17
C ASP A 358 -18.62 -2.95 24.70
N ILE A 359 -18.40 -4.25 24.45
CA ILE A 359 -19.46 -5.12 23.94
C ILE A 359 -20.52 -5.41 24.98
N THR A 360 -20.33 -5.00 26.23
CA THR A 360 -21.33 -5.20 27.27
C THR A 360 -22.26 -4.01 27.44
N ARG A 361 -22.05 -2.93 26.70
CA ARG A 361 -22.94 -1.77 26.82
C ARG A 361 -24.35 -2.14 26.35
N ALA A 362 -25.34 -1.45 26.92
CA ALA A 362 -26.74 -1.78 26.67
C ALA A 362 -27.25 -1.26 25.33
N THR A 363 -26.57 -0.27 24.75
CA THR A 363 -27.06 0.39 23.54
C THR A 363 -26.32 -0.08 22.29
N ALA A 364 -25.65 -1.23 22.36
CA ALA A 364 -24.85 -1.69 21.23
C ALA A 364 -25.72 -1.95 20.00
N ALA A 365 -26.83 -2.66 20.19
CA ALA A 365 -27.73 -2.97 19.08
C ALA A 365 -28.63 -1.81 18.69
N ARG A 366 -28.42 -0.63 19.27
CA ARG A 366 -29.18 0.56 18.90
C ARG A 366 -28.51 1.37 17.81
N HIS A 367 -27.40 0.91 17.26
CA HIS A 367 -26.68 1.67 16.26
C HIS A 367 -27.46 1.70 14.94
N ILE A 368 -27.13 2.66 14.09
CA ILE A 368 -27.70 2.75 12.75
C ILE A 368 -26.58 2.74 11.71
N SER A 369 -25.57 1.90 11.93
CA SER A 369 -24.45 1.84 11.00
C SER A 369 -24.81 1.16 9.68
N PHE A 370 -25.96 0.50 9.61
CA PHE A 370 -26.49 0.00 8.34
C PHE A 370 -27.47 0.99 7.70
N GLY A 371 -27.63 2.16 8.28
CA GLY A 371 -28.61 3.12 7.79
C GLY A 371 -29.94 2.99 8.50
N HIS A 372 -30.92 3.73 7.95
CA HIS A 372 -32.26 3.78 8.51
C HIS A 372 -33.19 4.30 7.42
N GLY A 373 -34.45 3.87 7.50
CA GLY A 373 -35.42 4.26 6.50
C GLY A 373 -35.38 3.38 5.27
N PRO A 374 -35.90 3.89 4.15
CA PRO A 374 -36.04 3.04 2.95
C PRO A 374 -34.72 2.52 2.40
N HIS A 375 -33.64 3.29 2.51
CA HIS A 375 -32.36 2.88 1.92
C HIS A 375 -31.51 2.05 2.87
N ILE A 376 -32.10 1.56 3.97
CA ILE A 376 -31.34 0.75 4.92
C ILE A 376 -30.68 -0.41 4.17
N CYS A 377 -29.45 -0.72 4.56
CA CYS A 377 -28.64 -1.72 3.90
C CYS A 377 -29.41 -3.03 3.71
N PRO A 378 -29.59 -3.51 2.49
CA PRO A 378 -30.27 -4.79 2.28
C PRO A 378 -29.39 -6.00 2.57
N GLY A 379 -28.08 -5.82 2.69
CA GLY A 379 -27.20 -6.94 2.92
C GLY A 379 -26.75 -7.07 4.37
N ALA A 380 -27.47 -6.42 5.28
CA ALA A 380 -27.05 -6.42 6.68
C ALA A 380 -27.00 -7.83 7.27
N ALA A 381 -27.99 -8.66 6.94
CA ALA A 381 -27.97 -10.04 7.44
C ALA A 381 -26.79 -10.81 6.87
N LEU A 382 -26.40 -10.52 5.63
CA LEU A 382 -25.26 -11.21 5.04
C LEU A 382 -23.95 -10.75 5.66
N ALA A 383 -23.81 -9.44 5.90
CA ALA A 383 -22.62 -8.94 6.58
C ALA A 383 -22.48 -9.52 7.97
N ARG A 384 -23.59 -9.56 8.72
CA ARG A 384 -23.56 -10.17 10.05
C ARG A 384 -23.22 -11.65 9.97
N LEU A 385 -23.74 -12.35 8.96
CA LEU A 385 -23.49 -13.78 8.83
C LEU A 385 -22.03 -14.05 8.50
N GLU A 386 -21.45 -13.29 7.56
CA GLU A 386 -20.06 -13.49 7.20
C GLU A 386 -19.14 -13.26 8.39
N ALA A 387 -19.37 -12.18 9.14
CA ALA A 387 -18.53 -11.90 10.30
C ALA A 387 -18.76 -12.93 11.40
N ALA A 388 -20.01 -13.36 11.60
CA ALA A 388 -20.30 -14.31 12.67
C ALA A 388 -19.72 -15.69 12.38
N ILE A 389 -19.45 -16.01 11.14
CA ILE A 389 -18.76 -17.25 10.80
C ILE A 389 -17.25 -17.07 10.85
N ALA A 390 -16.75 -16.00 10.22
CA ALA A 390 -15.31 -15.84 10.05
C ALA A 390 -14.61 -15.58 11.38
N LEU A 391 -15.21 -14.74 12.25
CA LEU A 391 -14.49 -14.32 13.45
C LEU A 391 -14.23 -15.48 14.41
N PRO A 392 -15.25 -16.24 14.86
CA PRO A 392 -14.93 -17.37 15.75
C PRO A 392 -14.08 -18.43 15.06
N ALA A 393 -14.26 -18.62 13.75
CA ALA A 393 -13.41 -19.58 13.05
C ALA A 393 -11.94 -19.16 13.10
N LEU A 394 -11.67 -17.86 12.98
CA LEU A 394 -10.31 -17.37 13.03
C LEU A 394 -9.68 -17.60 14.40
N PHE A 395 -10.39 -17.21 15.46
CA PHE A 395 -9.81 -17.29 16.80
C PHE A 395 -9.81 -18.71 17.34
N THR A 396 -10.72 -19.57 16.88
CA THR A 396 -10.65 -20.98 17.24
C THR A 396 -9.44 -21.65 16.59
N ARG A 397 -9.19 -21.33 15.32
CA ARG A 397 -8.08 -21.95 14.60
C ARG A 397 -6.74 -21.47 15.14
N PHE A 398 -6.63 -20.18 15.45
CA PHE A 398 -5.38 -19.56 15.91
C PHE A 398 -5.65 -18.85 17.24
N PRO A 399 -5.77 -19.59 18.34
CA PRO A 399 -6.13 -18.96 19.62
C PRO A 399 -5.09 -17.99 20.14
N HIS A 400 -3.83 -18.09 19.69
CA HIS A 400 -2.77 -17.21 20.15
C HIS A 400 -2.41 -16.15 19.12
N LEU A 401 -3.31 -15.88 18.18
CA LEU A 401 -3.11 -14.83 17.20
C LEU A 401 -2.93 -13.48 17.88
N HIS A 402 -1.95 -12.71 17.43
CA HIS A 402 -1.64 -11.44 18.06
C HIS A 402 -0.93 -10.55 17.05
N PRO A 403 -0.93 -9.23 17.27
CA PRO A 403 -0.32 -8.32 16.28
C PRO A 403 1.19 -8.42 16.30
N ALA A 404 1.79 -8.28 15.12
CA ALA A 404 3.24 -8.13 14.98
C ALA A 404 3.65 -6.67 14.93
N LEU A 405 2.68 -5.76 14.92
CA LEU A 405 2.84 -4.33 14.88
C LEU A 405 1.81 -3.77 15.85
N PRO A 406 2.16 -2.74 16.62
CA PRO A 406 1.17 -2.13 17.52
C PRO A 406 -0.09 -1.74 16.77
N LEU A 407 -1.24 -2.19 17.29
CA LEU A 407 -2.51 -2.00 16.60
C LEU A 407 -2.78 -0.52 16.28
N ASP A 408 -2.42 0.38 17.18
CA ASP A 408 -2.68 1.80 16.95
C ASP A 408 -1.81 2.38 15.84
N GLN A 409 -0.83 1.63 15.33
CA GLN A 409 0.00 2.09 14.21
C GLN A 409 -0.49 1.58 12.87
N ILE A 410 -1.60 0.84 12.83
CA ILE A 410 -2.19 0.41 11.57
C ILE A 410 -2.88 1.62 10.95
N PRO A 411 -2.45 2.09 9.80
CA PRO A 411 -3.03 3.31 9.22
C PRO A 411 -4.22 3.02 8.32
N ASN A 412 -5.06 4.04 8.16
CA ASN A 412 -6.12 3.98 7.17
C ASN A 412 -5.58 4.28 5.79
N LEU A 413 -6.14 3.61 4.78
CA LEU A 413 -5.86 3.98 3.41
C LEU A 413 -6.48 5.33 3.10
N PRO A 414 -5.92 6.08 2.15
CA PRO A 414 -6.49 7.39 1.80
C PRO A 414 -7.82 7.25 1.07
N VAL A 415 -8.85 6.86 1.83
CA VAL A 415 -10.22 6.74 1.34
C VAL A 415 -11.10 7.58 2.23
N LEU A 416 -11.74 8.59 1.65
CA LEU A 416 -12.39 9.63 2.45
C LEU A 416 -13.61 9.10 3.19
N THR A 417 -14.45 8.34 2.50
CA THR A 417 -15.77 8.00 3.02
C THR A 417 -15.87 6.59 3.58
N GLN A 418 -14.84 5.77 3.40
CA GLN A 418 -14.85 4.38 3.85
C GLN A 418 -13.74 4.18 4.88
N ASN A 419 -14.02 3.35 5.87
CA ASN A 419 -13.05 3.07 6.94
C ASN A 419 -12.20 1.88 6.50
N ASP A 420 -11.17 2.18 5.71
CA ASP A 420 -10.37 1.17 5.03
C ASP A 420 -8.98 1.10 5.67
N LEU A 421 -8.65 -0.06 6.23
CA LEU A 421 -7.34 -0.28 6.83
C LEU A 421 -6.34 -0.72 5.78
N SER A 422 -5.08 -0.28 5.94
CA SER A 422 -4.07 -0.54 4.94
C SER A 422 -3.60 -2.00 4.95
N HIS A 423 -3.14 -2.47 6.12
CA HIS A 423 -2.63 -3.82 6.27
C HIS A 423 -2.70 -4.18 7.74
N PHE A 424 -2.67 -5.49 8.03
CA PHE A 424 -2.91 -5.99 9.38
C PHE A 424 -1.90 -7.09 9.68
N PRO A 425 -0.67 -6.71 10.05
CA PRO A 425 0.37 -7.72 10.28
C PRO A 425 0.16 -8.45 11.60
N ILE A 426 0.13 -9.79 11.52
CA ILE A 426 -0.09 -10.63 12.69
C ILE A 426 0.91 -11.78 12.68
N HIS A 427 1.03 -12.42 13.84
CA HIS A 427 1.68 -13.71 13.98
C HIS A 427 0.63 -14.72 14.43
N LEU A 428 0.72 -15.95 13.91
CA LEU A 428 -0.27 -16.96 14.26
C LEU A 428 -0.16 -17.39 15.72
N GLY A 429 1.05 -17.37 16.27
CA GLY A 429 1.25 -17.72 17.67
C GLY A 429 1.44 -19.20 17.90
N PRO B 25 14.24 -1.39 27.49
CA PRO B 25 14.98 -2.48 28.11
C PRO B 25 16.19 -2.90 27.29
N HIS B 26 17.31 -3.11 27.99
CA HIS B 26 18.60 -3.31 27.33
C HIS B 26 18.76 -4.75 26.86
N SER B 27 19.31 -4.92 25.66
CA SER B 27 19.68 -6.23 25.14
C SER B 27 20.94 -6.10 24.30
N ASP B 28 21.71 -7.19 24.24
CA ASP B 28 22.97 -7.20 23.51
C ASP B 28 22.85 -7.58 22.05
N THR B 29 21.73 -8.17 21.64
CA THR B 29 21.44 -8.45 20.24
C THR B 29 20.32 -7.52 19.80
N LEU B 30 20.59 -6.72 18.77
CA LEU B 30 19.62 -5.75 18.27
C LEU B 30 18.78 -6.42 17.20
N THR B 31 17.49 -6.58 17.48
CA THR B 31 16.57 -7.19 16.53
C THR B 31 16.11 -6.14 15.52
N ILE B 32 16.41 -6.37 14.24
CA ILE B 32 15.94 -5.46 13.20
C ILE B 32 14.44 -5.68 13.01
N ASP B 33 13.65 -4.66 13.30
CA ASP B 33 12.20 -4.78 13.24
C ASP B 33 11.73 -4.89 11.80
N PRO B 34 11.02 -5.96 11.42
CA PRO B 34 10.60 -6.09 10.01
C PRO B 34 9.53 -5.09 9.59
N MET B 35 8.83 -4.47 10.52
CA MET B 35 7.80 -3.50 10.17
C MET B 35 8.34 -2.08 10.03
N ILE B 36 9.64 -1.88 10.29
CA ILE B 36 10.29 -0.57 10.18
C ILE B 36 9.51 0.44 11.00
N THR B 37 9.22 0.10 12.26
CA THR B 37 8.44 0.99 13.12
C THR B 37 9.27 2.15 13.66
N ASP B 38 10.55 1.91 13.95
CA ASP B 38 11.43 2.92 14.52
C ASP B 38 12.78 2.85 13.81
N LEU B 39 12.83 3.33 12.57
CA LEU B 39 14.08 3.31 11.82
C LEU B 39 15.11 4.25 12.45
N ALA B 40 14.68 5.44 12.86
CA ALA B 40 15.59 6.37 13.51
C ALA B 40 16.17 5.78 14.79
N GLY B 41 15.31 5.18 15.62
CA GLY B 41 15.79 4.57 16.85
C GLY B 41 16.77 3.44 16.60
N GLU B 42 16.44 2.56 15.66
CA GLU B 42 17.35 1.45 15.34
C GLU B 42 18.68 1.96 14.81
N THR B 43 18.65 2.97 13.93
CA THR B 43 19.88 3.49 13.37
C THR B 43 20.77 4.11 14.44
N SER B 44 20.16 4.83 15.39
CA SER B 44 20.95 5.40 16.48
C SER B 44 21.47 4.31 17.41
N ARG B 45 20.65 3.29 17.69
CA ARG B 45 21.10 2.19 18.54
C ARG B 45 22.23 1.41 17.87
N LEU B 46 22.14 1.21 16.55
CA LEU B 46 23.21 0.53 15.83
C LEU B 46 24.50 1.34 15.89
N ARG B 47 24.41 2.66 15.72
CA ARG B 47 25.60 3.50 15.83
C ARG B 47 26.17 3.46 17.25
N ALA B 48 25.30 3.54 18.26
CA ALA B 48 25.78 3.56 19.64
C ALA B 48 26.41 2.25 20.05
N ALA B 49 25.95 1.13 19.51
CA ALA B 49 26.49 -0.18 19.84
C ALA B 49 27.63 -0.61 18.93
N GLY B 50 28.05 0.25 18.00
CA GLY B 50 29.02 -0.13 17.00
C GLY B 50 30.45 0.11 17.44
N PRO B 51 31.41 0.02 16.51
CA PRO B 51 31.20 -0.15 15.06
C PRO B 51 30.92 -1.58 14.61
N LEU B 52 30.99 -2.54 15.52
CA LEU B 52 30.69 -3.94 15.25
C LEU B 52 29.77 -4.44 16.34
N THR B 53 28.59 -4.94 15.96
CA THR B 53 27.61 -5.38 16.94
C THR B 53 26.81 -6.54 16.39
N ARG B 54 26.24 -7.32 17.30
CA ARG B 54 25.40 -8.44 16.93
C ARG B 54 23.98 -7.97 16.65
N ILE B 55 23.39 -8.53 15.59
CA ILE B 55 22.01 -8.24 15.24
C ILE B 55 21.26 -9.54 15.00
N ASP B 56 19.93 -9.43 15.01
CA ASP B 56 19.03 -10.54 14.75
C ASP B 56 18.18 -10.21 13.54
N LEU B 57 18.28 -11.02 12.49
CA LEU B 57 17.53 -10.85 11.25
C LEU B 57 16.50 -11.98 11.15
N LEU B 58 15.30 -11.72 11.66
CA LEU B 58 14.19 -12.69 11.64
C LEU B 58 14.64 -14.06 12.16
N GLY B 59 15.27 -14.05 13.34
CA GLY B 59 15.69 -15.28 13.98
C GLY B 59 17.07 -15.77 13.60
N VAL B 60 17.76 -15.11 12.69
CA VAL B 60 19.07 -15.52 12.21
C VAL B 60 20.11 -14.53 12.72
N PRO B 61 21.17 -14.98 13.37
CA PRO B 61 22.16 -14.05 13.91
C PRO B 61 23.22 -13.67 12.89
N ALA B 62 23.69 -12.43 13.02
CA ALA B 62 24.77 -11.93 12.19
C ALA B 62 25.41 -10.75 12.92
N LEU B 63 26.59 -10.36 12.44
CA LEU B 63 27.25 -9.15 12.89
C LEU B 63 26.93 -8.00 11.95
N ALA B 64 26.78 -6.81 12.50
CA ALA B 64 26.51 -5.60 11.74
C ALA B 64 27.68 -4.64 11.87
N VAL B 65 28.21 -4.18 10.73
CA VAL B 65 29.24 -3.17 10.71
C VAL B 65 28.55 -1.81 10.58
N THR B 66 28.64 -1.00 11.62
CA THR B 66 27.95 0.29 11.67
C THR B 66 28.89 1.48 11.68
N GLY B 67 30.20 1.25 11.61
CA GLY B 67 31.19 2.33 11.65
C GLY B 67 31.80 2.56 10.29
N HIS B 68 32.07 3.83 9.98
CA HIS B 68 32.56 4.20 8.66
C HIS B 68 33.95 3.62 8.41
N THR B 69 34.90 3.89 9.30
CA THR B 69 36.28 3.44 9.06
C THR B 69 36.37 1.91 9.06
N LEU B 70 35.67 1.24 9.97
CA LEU B 70 35.71 -0.22 9.98
C LEU B 70 35.07 -0.80 8.73
N ALA B 71 34.03 -0.16 8.20
CA ALA B 71 33.41 -0.62 6.96
C ALA B 71 34.41 -0.58 5.80
N ARG B 72 35.08 0.56 5.62
CA ARG B 72 36.06 0.67 4.55
C ARG B 72 37.15 -0.39 4.68
N GLN B 73 37.55 -0.70 5.91
CA GLN B 73 38.57 -1.72 6.12
C GLN B 73 38.06 -3.11 5.76
N LEU B 74 36.84 -3.45 6.21
CA LEU B 74 36.31 -4.79 5.98
C LEU B 74 35.85 -4.98 4.54
N LEU B 75 35.40 -3.92 3.88
CA LEU B 75 34.98 -4.03 2.48
C LEU B 75 36.16 -4.32 1.54
N THR B 76 37.39 -4.11 2.01
CA THR B 76 38.57 -4.47 1.24
C THR B 76 39.31 -5.66 1.82
N ASP B 77 38.77 -6.30 2.85
CA ASP B 77 39.41 -7.46 3.46
C ASP B 77 39.06 -8.71 2.64
N THR B 78 40.07 -9.35 2.08
CA THR B 78 39.87 -10.52 1.23
C THR B 78 39.32 -11.73 1.98
N ARG B 79 39.28 -11.68 3.32
CA ARG B 79 38.77 -12.79 4.11
C ARG B 79 37.26 -12.76 4.29
N LEU B 80 36.59 -11.75 3.76
CA LEU B 80 35.13 -11.64 3.79
C LEU B 80 34.61 -11.84 2.37
N VAL B 81 33.84 -12.90 2.15
CA VAL B 81 33.36 -13.24 0.83
C VAL B 81 31.83 -13.24 0.82
N LYS B 82 31.27 -13.07 -0.37
CA LYS B 82 29.83 -13.04 -0.57
C LYS B 82 29.21 -14.43 -0.69
N ASP B 83 30.00 -15.44 -1.05
CA ASP B 83 29.50 -16.77 -1.34
C ASP B 83 28.79 -17.38 -0.12
N ILE B 84 27.50 -17.67 -0.27
CA ILE B 84 26.71 -18.22 0.82
C ILE B 84 27.25 -19.56 1.31
N ASN B 85 27.98 -20.29 0.47
CA ASN B 85 28.54 -21.57 0.91
C ASN B 85 29.62 -21.40 1.96
N ALA B 86 30.13 -20.19 2.18
CA ALA B 86 31.05 -19.92 3.27
C ALA B 86 30.33 -19.66 4.59
N TRP B 87 29.00 -19.65 4.59
CA TRP B 87 28.21 -19.38 5.78
C TRP B 87 28.03 -20.66 6.59
N SER B 88 28.49 -20.64 7.85
CA SER B 88 28.39 -21.84 8.68
C SER B 88 26.92 -22.20 8.95
N LEU B 89 26.04 -21.21 9.01
CA LEU B 89 24.62 -21.51 9.18
C LEU B 89 24.02 -22.15 7.92
N TRP B 90 24.55 -21.80 6.75
CA TRP B 90 24.12 -22.43 5.50
C TRP B 90 24.69 -23.83 5.36
N GLN B 91 25.96 -24.01 5.73
CA GLN B 91 26.58 -25.33 5.67
C GLN B 91 25.86 -26.33 6.55
N SER B 92 25.49 -25.91 7.77
CA SER B 92 24.85 -26.79 8.73
C SER B 92 23.36 -26.99 8.47
N GLY B 93 22.81 -26.36 7.43
CA GLY B 93 21.39 -26.45 7.17
C GLY B 93 20.52 -25.67 8.14
N THR B 94 21.12 -24.83 8.98
CA THR B 94 20.33 -24.05 9.94
C THR B 94 19.46 -23.02 9.23
N VAL B 95 20.00 -22.34 8.23
CA VAL B 95 19.24 -21.40 7.40
C VAL B 95 18.86 -22.11 6.11
N THR B 96 17.59 -21.98 5.72
CA THR B 96 17.08 -22.62 4.50
C THR B 96 16.39 -21.60 3.60
N ARG B 97 15.75 -22.09 2.54
CA ARG B 97 14.98 -21.21 1.66
C ARG B 97 13.69 -20.72 2.31
N GLN B 98 13.34 -21.22 3.49
CA GLN B 98 12.17 -20.70 4.20
C GLN B 98 12.46 -19.39 4.91
N TRP B 99 13.72 -19.01 5.03
CA TRP B 99 14.06 -17.72 5.64
C TRP B 99 13.61 -16.59 4.71
N PRO B 100 12.82 -15.63 5.20
CA PRO B 100 12.25 -14.62 4.30
C PRO B 100 13.28 -13.73 3.62
N LEU B 101 14.52 -13.67 4.11
CA LEU B 101 15.56 -12.85 3.51
C LEU B 101 16.50 -13.64 2.60
N ILE B 102 16.18 -14.90 2.31
CA ILE B 102 17.11 -15.75 1.57
C ILE B 102 17.27 -15.27 0.12
N GLY B 103 16.26 -14.62 -0.43
CA GLY B 103 16.37 -14.09 -1.79
C GLY B 103 17.39 -12.99 -1.95
N MET B 104 17.89 -12.42 -0.85
CA MET B 104 18.92 -11.41 -0.93
C MET B 104 20.32 -12.01 -0.99
N ILE B 105 20.47 -13.31 -0.75
CA ILE B 105 21.78 -13.92 -0.60
C ILE B 105 21.94 -15.11 -1.53
N ASP B 106 20.98 -16.05 -1.49
CA ASP B 106 21.08 -17.27 -2.28
C ASP B 106 20.60 -17.02 -3.71
N VAL B 107 21.45 -16.33 -4.46
CA VAL B 107 21.12 -15.91 -5.81
C VAL B 107 22.09 -16.56 -6.80
N ASP B 108 21.80 -16.39 -8.09
CA ASP B 108 22.62 -16.96 -9.14
C ASP B 108 24.01 -16.34 -9.17
N ARG B 109 24.95 -17.07 -9.76
CA ARG B 109 26.31 -16.57 -9.90
C ARG B 109 26.31 -15.26 -10.68
N SER B 110 27.00 -14.26 -10.14
CA SER B 110 27.08 -12.94 -10.77
C SER B 110 28.19 -12.16 -10.08
N MET B 111 28.37 -10.91 -10.53
CA MET B 111 29.32 -10.02 -9.86
C MET B 111 28.99 -9.83 -8.39
N ALA B 112 27.74 -10.08 -7.98
CA ALA B 112 27.33 -9.89 -6.60
C ALA B 112 27.75 -11.04 -5.69
N THR B 113 28.08 -12.21 -6.24
CA THR B 113 28.34 -13.40 -5.44
C THR B 113 29.79 -13.87 -5.48
N VAL B 114 30.64 -13.28 -6.30
CA VAL B 114 31.99 -13.78 -6.52
C VAL B 114 32.99 -12.78 -5.97
N ASP B 115 34.16 -13.30 -5.57
CA ASP B 115 35.26 -12.49 -5.10
C ASP B 115 36.55 -12.99 -5.73
N GLY B 116 37.58 -12.15 -5.69
CA GLY B 116 38.88 -12.51 -6.21
C GLY B 116 39.04 -12.21 -7.69
N PRO B 117 39.95 -12.93 -8.34
CA PRO B 117 40.22 -12.65 -9.77
C PRO B 117 39.02 -12.84 -10.69
N GLU B 118 38.19 -13.85 -10.43
CA GLU B 118 37.02 -14.06 -11.29
C GLU B 118 36.00 -12.94 -11.17
N HIS B 119 36.05 -12.15 -10.09
CA HIS B 119 35.12 -11.05 -9.92
C HIS B 119 35.28 -9.99 -11.01
N ARG B 120 36.52 -9.67 -11.37
CA ARG B 120 36.76 -8.62 -12.36
C ARG B 120 36.18 -8.99 -13.71
N ARG B 121 36.27 -10.27 -14.08
CA ARG B 121 35.74 -10.71 -15.37
C ARG B 121 34.23 -10.55 -15.44
N LEU B 122 33.52 -10.74 -14.32
CA LEU B 122 32.08 -10.59 -14.30
C LEU B 122 31.64 -9.12 -14.22
N ARG B 123 32.57 -8.19 -14.03
CA ARG B 123 32.21 -6.78 -13.88
C ARG B 123 32.67 -5.91 -15.04
N ILE B 124 33.65 -6.37 -15.84
CA ILE B 124 34.37 -5.45 -16.73
C ILE B 124 33.43 -4.87 -17.79
N LYS B 125 32.62 -5.72 -18.42
CA LYS B 125 31.74 -5.22 -19.47
C LYS B 125 30.71 -4.25 -18.92
N THR B 126 30.22 -4.50 -17.70
CA THR B 126 29.23 -3.60 -17.11
C THR B 126 29.83 -2.26 -16.75
N THR B 127 31.02 -2.26 -16.13
CA THR B 127 31.65 -1.00 -15.76
C THR B 127 32.02 -0.19 -17.00
N GLN B 128 32.45 -0.87 -18.07
CA GLN B 128 32.76 -0.16 -19.31
C GLN B 128 31.53 0.53 -19.89
N ALA B 129 30.37 -0.11 -19.78
CA ALA B 129 29.13 0.47 -20.30
C ALA B 129 28.54 1.54 -19.40
N LEU B 130 29.00 1.67 -18.15
CA LEU B 130 28.37 2.56 -17.19
C LEU B 130 29.29 3.71 -16.77
N THR B 131 30.33 4.01 -17.53
CA THR B 131 31.11 5.19 -17.24
C THR B 131 30.31 6.44 -17.59
N ARG B 132 30.71 7.57 -17.00
CA ARG B 132 30.02 8.83 -17.28
C ARG B 132 30.05 9.13 -18.78
N ARG B 133 31.19 8.90 -19.44
CA ARG B 133 31.28 9.15 -20.87
C ARG B 133 30.39 8.21 -21.67
N ALA B 134 30.34 6.93 -21.29
CA ALA B 134 29.47 5.99 -21.98
C ALA B 134 28.01 6.34 -21.78
N LEU B 135 27.66 6.86 -20.61
CA LEU B 135 26.27 7.20 -20.31
C LEU B 135 25.79 8.44 -21.07
N ASP B 136 26.70 9.23 -21.62
CA ASP B 136 26.29 10.39 -22.41
C ASP B 136 25.37 9.99 -23.54
N ALA B 137 25.54 8.78 -24.10
CA ALA B 137 24.65 8.29 -25.14
C ALA B 137 23.25 7.99 -24.62
N LEU B 138 23.09 7.76 -23.32
CA LEU B 138 21.80 7.47 -22.74
C LEU B 138 21.06 8.71 -22.25
N LYS B 139 21.75 9.84 -22.12
CA LYS B 139 21.14 11.03 -21.54
C LYS B 139 19.88 11.47 -22.26
N PRO B 140 19.82 11.56 -23.60
CA PRO B 140 18.56 11.98 -24.22
C PRO B 140 17.39 11.05 -23.93
N THR B 141 17.65 9.75 -23.75
CA THR B 141 16.58 8.83 -23.36
C THR B 141 16.06 9.16 -21.97
N ILE B 142 16.96 9.42 -21.02
CA ILE B 142 16.54 9.80 -19.67
C ILE B 142 15.73 11.09 -19.72
N GLU B 143 16.19 12.06 -20.51
CA GLU B 143 15.47 13.33 -20.63
C GLU B 143 14.05 13.11 -21.14
N ARG B 144 13.87 12.20 -22.10
CA ARG B 144 12.54 11.96 -22.65
C ARG B 144 11.62 11.34 -21.61
N TYR B 145 12.13 10.38 -20.83
CA TYR B 145 11.31 9.75 -19.80
C TYR B 145 10.96 10.73 -18.68
N VAL B 146 11.91 11.57 -18.28
CA VAL B 146 11.60 12.57 -17.26
C VAL B 146 10.52 13.51 -17.77
N ALA B 147 10.62 13.95 -19.02
CA ALA B 147 9.63 14.86 -19.59
C ALA B 147 8.26 14.20 -19.69
N GLU B 148 8.22 12.93 -20.10
CA GLU B 148 6.95 12.22 -20.21
C GLU B 148 6.27 12.06 -18.86
N LEU B 149 7.03 11.72 -17.83
CA LEU B 149 6.44 11.49 -16.52
C LEU B 149 6.09 12.80 -15.83
N LEU B 150 6.81 13.89 -16.12
CA LEU B 150 6.37 15.20 -15.66
C LEU B 150 5.03 15.58 -16.28
N ASP B 151 4.80 15.19 -17.54
CA ASP B 151 3.50 15.39 -18.15
C ASP B 151 2.42 14.61 -17.42
N ASP B 152 2.74 13.39 -16.98
CA ASP B 152 1.79 12.61 -16.18
C ASP B 152 1.46 13.31 -14.87
N LEU B 153 2.48 13.85 -14.19
CA LEU B 153 2.25 14.60 -12.97
C LEU B 153 1.32 15.79 -13.22
N GLU B 154 1.53 16.49 -14.33
CA GLU B 154 0.70 17.66 -14.62
C GLU B 154 -0.76 17.27 -14.80
N ARG B 155 -1.01 16.18 -15.55
CA ARG B 155 -2.38 15.71 -15.74
C ARG B 155 -2.97 15.18 -14.43
N ALA B 156 -2.17 14.44 -13.65
CA ALA B 156 -2.67 13.88 -12.41
C ALA B 156 -3.00 14.97 -11.39
N GLY B 157 -2.23 16.06 -11.40
CA GLY B 157 -2.43 17.17 -10.49
C GLY B 157 -3.39 18.24 -10.94
N ALA B 158 -4.14 17.99 -12.01
CA ALA B 158 -5.09 18.96 -12.52
C ALA B 158 -6.13 19.30 -11.45
N ASP B 159 -6.63 20.54 -11.50
CA ASP B 159 -7.66 21.02 -10.59
C ASP B 159 -7.24 20.88 -9.13
N GLY B 160 -5.94 21.04 -8.86
CA GLY B 160 -5.44 21.03 -7.49
C GLY B 160 -5.53 19.69 -6.78
N ALA B 161 -5.68 18.60 -7.52
CA ALA B 161 -5.84 17.28 -6.91
C ALA B 161 -4.53 16.80 -6.27
N VAL B 162 -4.66 15.91 -5.29
CA VAL B 162 -3.49 15.31 -4.66
C VAL B 162 -2.93 14.24 -5.58
N VAL B 163 -1.61 14.16 -5.65
CA VAL B 163 -0.92 13.23 -6.54
C VAL B 163 0.07 12.41 -5.73
N ASP B 164 0.17 11.12 -6.05
CA ASP B 164 1.22 10.27 -5.48
C ASP B 164 2.47 10.46 -6.33
N LEU B 165 3.43 11.22 -5.81
CA LEU B 165 4.68 11.45 -6.53
C LEU B 165 5.42 10.15 -6.82
N LYS B 166 5.29 9.16 -5.93
CA LYS B 166 5.94 7.87 -6.19
C LYS B 166 5.33 7.16 -7.38
N SER B 167 4.03 6.86 -7.33
CA SER B 167 3.42 6.05 -8.36
C SER B 167 3.46 6.73 -9.73
N VAL B 168 3.35 8.05 -9.77
CA VAL B 168 3.27 8.76 -11.04
C VAL B 168 4.63 9.10 -11.62
N PHE B 169 5.64 9.35 -10.78
CA PHE B 169 6.92 9.85 -11.26
C PHE B 169 8.11 9.00 -10.84
N ALA B 170 8.36 8.91 -9.53
CA ALA B 170 9.62 8.33 -9.07
C ALA B 170 9.65 6.81 -9.25
N TYR B 171 8.50 6.14 -9.15
CA TYR B 171 8.49 4.68 -9.26
C TYR B 171 8.72 4.20 -10.69
N PRO B 172 8.07 4.74 -11.73
CA PRO B 172 8.30 4.22 -13.09
C PRO B 172 9.62 4.66 -13.71
N LEU B 173 10.14 5.83 -13.33
CA LEU B 173 11.28 6.39 -14.06
C LEU B 173 12.51 5.49 -14.07
N PRO B 174 13.04 5.01 -12.94
CA PRO B 174 14.25 4.18 -13.01
C PRO B 174 14.03 2.85 -13.72
N MET B 175 12.80 2.33 -13.67
CA MET B 175 12.52 1.10 -14.42
C MET B 175 12.62 1.35 -15.92
N ARG B 176 12.13 2.49 -16.40
N ARG B 176 12.08 2.48 -16.40
CA ARG B 176 12.23 2.78 -17.82
CA ARG B 176 12.22 2.82 -17.81
C ARG B 176 13.67 3.01 -18.26
C ARG B 176 13.68 2.94 -18.22
N VAL B 177 14.48 3.63 -17.40
CA VAL B 177 15.88 3.86 -17.75
C VAL B 177 16.66 2.55 -17.75
N ILE B 178 16.53 1.75 -16.69
CA ILE B 178 17.31 0.52 -16.65
C ILE B 178 16.80 -0.47 -17.69
N SER B 179 15.51 -0.41 -18.06
CA SER B 179 14.98 -1.27 -19.11
C SER B 179 15.52 -0.87 -20.48
N ALA B 180 15.63 0.44 -20.74
CA ALA B 180 16.22 0.88 -22.00
C ALA B 180 17.67 0.44 -22.09
N LEU B 181 18.41 0.55 -20.98
CA LEU B 181 19.82 0.14 -20.98
C LEU B 181 19.97 -1.35 -21.20
N MET B 182 19.17 -2.16 -20.50
CA MET B 182 19.32 -3.61 -20.54
C MET B 182 18.54 -4.27 -21.67
N GLY B 183 17.53 -3.61 -22.22
CA GLY B 183 16.73 -4.19 -23.27
C GLY B 183 15.45 -4.87 -22.82
N VAL B 184 14.86 -4.43 -21.73
CA VAL B 184 13.57 -4.99 -21.30
C VAL B 184 12.45 -4.33 -22.09
N PRO B 185 11.61 -5.09 -22.76
CA PRO B 185 10.53 -4.50 -23.56
C PRO B 185 9.60 -3.65 -22.71
N SER B 186 9.07 -2.59 -23.33
CA SER B 186 8.21 -1.65 -22.62
C SER B 186 6.99 -2.36 -22.01
N GLU B 187 6.43 -3.34 -22.72
CA GLU B 187 5.22 -4.00 -22.27
C GLU B 187 5.45 -4.93 -21.07
N ASP B 188 6.70 -5.29 -20.78
CA ASP B 188 7.01 -6.21 -19.70
C ASP B 188 7.33 -5.52 -18.39
N GLN B 189 7.41 -4.19 -18.37
CA GLN B 189 7.94 -3.51 -17.19
C GLN B 189 6.95 -3.50 -16.04
N GLU B 190 5.64 -3.41 -16.32
CA GLU B 190 4.66 -3.46 -15.25
C GLU B 190 4.71 -4.77 -14.49
N GLN B 191 4.94 -5.88 -15.19
CA GLN B 191 5.06 -7.18 -14.52
C GLN B 191 6.30 -7.23 -13.65
N LEU B 192 7.42 -6.70 -14.12
CA LEU B 192 8.64 -6.65 -13.31
C LEU B 192 8.41 -5.85 -12.04
N LEU B 193 7.75 -4.70 -12.14
CA LEU B 193 7.45 -3.90 -10.95
C LEU B 193 6.62 -4.69 -9.96
N THR B 194 5.63 -5.43 -10.44
CA THR B 194 4.80 -6.25 -9.56
C THR B 194 5.63 -7.32 -8.86
N TRP B 195 6.54 -7.97 -9.59
CA TRP B 195 7.39 -8.99 -8.99
C TRP B 195 8.28 -8.39 -7.91
N TYR B 196 8.94 -7.28 -8.20
CA TYR B 196 9.89 -6.72 -7.24
C TYR B 196 9.19 -6.27 -5.97
N LYS B 197 7.98 -5.72 -6.08
CA LYS B 197 7.25 -5.32 -4.88
C LYS B 197 6.98 -6.51 -3.98
N ALA B 198 6.63 -7.66 -4.56
CA ALA B 198 6.44 -8.88 -3.77
C ALA B 198 7.77 -9.42 -3.27
N PHE B 199 8.82 -9.30 -4.09
CA PHE B 199 10.14 -9.80 -3.71
C PHE B 199 10.66 -9.08 -2.47
N PHE B 200 10.47 -7.76 -2.40
CA PHE B 200 11.05 -6.97 -1.32
C PHE B 200 10.17 -6.92 -0.07
N SER B 201 8.87 -7.09 -0.20
CA SER B 201 7.98 -6.93 0.95
C SER B 201 8.12 -8.11 1.91
N ILE B 202 8.29 -7.79 3.19
CA ILE B 202 8.36 -8.85 4.21
C ILE B 202 7.02 -9.52 4.38
N LEU B 203 5.93 -8.85 4.01
CA LEU B 203 4.59 -9.41 4.17
C LEU B 203 4.25 -10.48 3.14
N THR B 204 5.06 -10.63 2.10
CA THR B 204 4.78 -11.66 1.10
C THR B 204 4.92 -13.04 1.74
N PRO B 205 3.91 -13.91 1.61
CA PRO B 205 4.08 -15.29 2.08
C PRO B 205 5.29 -15.93 1.42
N GLN B 206 6.02 -16.73 2.20
CA GLN B 206 7.31 -17.22 1.72
C GLN B 206 7.16 -18.15 0.52
N ASP B 207 6.08 -18.94 0.49
CA ASP B 207 5.85 -19.79 -0.68
C ASP B 207 5.60 -18.94 -1.92
N GLU B 208 4.86 -17.83 -1.76
CA GLU B 208 4.64 -16.92 -2.88
C GLU B 208 5.93 -16.22 -3.27
N ARG B 209 6.74 -15.82 -2.28
CA ARG B 209 8.00 -15.15 -2.58
C ARG B 209 8.92 -16.05 -3.39
N LEU B 210 9.05 -17.31 -2.96
CA LEU B 210 9.89 -18.26 -3.70
C LEU B 210 9.35 -18.48 -5.12
N ARG B 211 8.03 -18.46 -5.28
CA ARG B 211 7.47 -18.58 -6.62
C ARG B 211 7.78 -17.36 -7.48
N VAL B 212 7.66 -16.16 -6.89
CA VAL B 212 8.02 -14.95 -7.63
C VAL B 212 9.48 -14.98 -8.04
N ILE B 213 10.36 -15.42 -7.14
CA ILE B 213 11.77 -15.55 -7.46
C ILE B 213 11.97 -16.49 -8.65
N ASP B 214 11.21 -17.58 -8.68
CA ASP B 214 11.30 -18.52 -9.80
C ASP B 214 10.75 -17.90 -11.08
N GLU B 215 9.66 -17.16 -10.99
CA GLU B 215 9.08 -16.51 -12.18
C GLU B 215 10.01 -15.44 -12.72
N MET B 216 10.66 -14.68 -11.84
CA MET B 216 11.62 -13.69 -12.31
C MET B 216 12.80 -14.38 -13.00
N HIS B 217 13.29 -15.47 -12.44
CA HIS B 217 14.38 -16.21 -13.07
C HIS B 217 13.97 -16.71 -14.46
N GLY B 218 12.75 -17.22 -14.58
CA GLY B 218 12.26 -17.68 -15.87
C GLY B 218 12.16 -16.56 -16.89
N TYR B 219 11.71 -15.38 -16.45
CA TYR B 219 11.61 -14.25 -17.37
C TYR B 219 12.98 -13.85 -17.89
N PHE B 220 13.95 -13.66 -16.98
CA PHE B 220 15.27 -13.21 -17.42
C PHE B 220 16.01 -14.31 -18.19
N THR B 221 15.73 -15.58 -17.90
CA THR B 221 16.30 -16.65 -18.71
C THR B 221 15.82 -16.56 -20.15
N GLU B 222 14.53 -16.33 -20.35
CA GLU B 222 14.00 -16.20 -21.71
C GLU B 222 14.47 -14.91 -22.36
N MET B 223 14.66 -13.84 -21.58
CA MET B 223 15.19 -12.61 -22.14
C MET B 223 16.59 -12.83 -22.71
N VAL B 224 17.42 -13.60 -22.00
CA VAL B 224 18.77 -13.90 -22.50
C VAL B 224 18.68 -14.77 -23.74
N ARG B 225 17.75 -15.72 -23.77
CA ARG B 225 17.53 -16.49 -24.99
C ARG B 225 17.11 -15.59 -26.13
N ARG B 226 16.22 -14.63 -25.85
CA ARG B 226 15.74 -13.74 -26.90
C ARG B 226 16.87 -12.88 -27.44
N LYS B 227 17.73 -12.37 -26.55
CA LYS B 227 18.84 -11.54 -26.98
C LYS B 227 19.96 -12.36 -27.63
N THR B 228 20.08 -13.63 -27.28
CA THR B 228 21.08 -14.47 -27.94
C THR B 228 20.73 -14.69 -29.40
N ALA B 229 19.45 -14.94 -29.69
CA ALA B 229 19.02 -15.16 -31.07
C ALA B 229 18.97 -13.85 -31.85
N GLU B 230 18.58 -12.76 -31.21
CA GLU B 230 18.41 -11.47 -31.88
C GLU B 230 19.00 -10.38 -31.00
N PRO B 231 20.32 -10.22 -31.02
CA PRO B 231 20.96 -9.20 -30.18
C PRO B 231 20.58 -7.80 -30.62
N GLY B 232 20.67 -6.88 -29.67
CA GLY B 232 20.31 -5.50 -29.92
C GLY B 232 21.33 -4.51 -29.36
N ASP B 233 20.98 -3.23 -29.42
CA ASP B 233 21.85 -2.16 -28.92
C ASP B 233 21.58 -1.94 -27.43
N ASP B 234 22.02 -2.91 -26.63
CA ASP B 234 21.74 -2.89 -25.20
C ASP B 234 22.83 -3.66 -24.46
N LEU B 235 22.88 -3.44 -23.14
CA LEU B 235 23.95 -4.02 -22.33
C LEU B 235 23.82 -5.54 -22.23
N THR B 236 22.58 -6.06 -22.19
CA THR B 236 22.40 -7.51 -22.12
C THR B 236 23.07 -8.19 -23.31
N SER B 237 22.86 -7.66 -24.50
CA SER B 237 23.52 -8.19 -25.69
C SER B 237 25.04 -8.11 -25.56
N ALA B 238 25.53 -7.02 -24.96
CA ALA B 238 26.98 -6.89 -24.78
C ALA B 238 27.52 -7.97 -23.84
N LEU B 239 26.77 -8.31 -22.79
CA LEU B 239 27.19 -9.39 -21.90
C LEU B 239 27.20 -10.74 -22.60
N ILE B 240 26.24 -10.94 -23.51
CA ILE B 240 26.13 -12.22 -24.21
C ILE B 240 27.27 -12.38 -25.22
N TYR B 241 27.53 -11.35 -26.01
CA TYR B 241 28.54 -11.40 -27.06
C TYR B 241 29.64 -10.38 -26.77
N ALA B 242 30.68 -10.83 -26.08
CA ALA B 242 31.86 -10.02 -25.83
C ALA B 242 32.79 -10.15 -27.04
N THR B 243 34.02 -9.66 -26.93
CA THR B 243 34.94 -9.80 -28.04
C THR B 243 35.67 -11.15 -27.92
N ASP B 244 36.80 -11.28 -28.64
CA ASP B 244 37.57 -12.52 -28.58
C ASP B 244 38.30 -12.65 -27.24
N GLY B 245 38.63 -11.53 -26.62
CA GLY B 245 39.21 -11.51 -25.29
C GLY B 245 38.36 -12.17 -24.22
N GLU B 246 38.98 -13.05 -23.44
CA GLU B 246 38.38 -13.62 -22.24
C GLU B 246 37.36 -14.69 -22.56
N THR B 247 37.07 -15.53 -21.56
CA THR B 247 36.05 -16.55 -21.69
C THR B 247 34.66 -15.91 -21.78
N PRO B 248 33.81 -16.37 -22.68
CA PRO B 248 32.43 -15.88 -22.69
C PRO B 248 31.72 -16.20 -21.38
N LEU B 249 30.84 -15.30 -20.96
CA LEU B 249 30.08 -15.52 -19.74
C LEU B 249 29.13 -16.71 -19.92
N THR B 250 28.95 -17.48 -18.85
CA THR B 250 28.00 -18.57 -18.93
C THR B 250 26.57 -18.01 -18.93
N GLU B 251 25.62 -18.88 -19.24
CA GLU B 251 24.22 -18.46 -19.18
C GLU B 251 23.85 -18.01 -17.78
N GLU B 252 24.31 -18.73 -16.75
CA GLU B 252 24.00 -18.34 -15.38
C GLU B 252 24.59 -16.98 -15.04
N GLU B 253 25.81 -16.71 -15.54
CA GLU B 253 26.47 -15.45 -15.23
C GLU B 253 25.78 -14.27 -15.90
N VAL B 254 25.32 -14.45 -17.15
CA VAL B 254 24.60 -13.37 -17.82
C VAL B 254 23.29 -13.08 -17.12
N ILE B 255 22.50 -14.14 -16.85
CA ILE B 255 21.24 -13.95 -16.15
C ILE B 255 21.47 -13.33 -14.77
N GLY B 256 22.51 -13.77 -14.07
CA GLY B 256 22.77 -13.24 -12.75
C GLY B 256 23.11 -11.75 -12.77
N ASN B 257 24.01 -11.36 -13.66
CA ASN B 257 24.32 -9.93 -13.80
C ASN B 257 23.09 -9.14 -14.18
N LEU B 258 22.31 -9.65 -15.13
CA LEU B 258 21.09 -8.98 -15.57
C LEU B 258 20.15 -8.77 -14.38
N GLN B 259 19.94 -9.82 -13.58
CA GLN B 259 19.02 -9.71 -12.45
C GLN B 259 19.50 -8.67 -11.44
N ALA B 260 20.80 -8.66 -11.15
CA ALA B 260 21.34 -7.70 -10.19
C ALA B 260 21.24 -6.27 -10.72
N LEU B 261 21.51 -6.08 -12.01
CA LEU B 261 21.49 -4.73 -12.58
C LEU B 261 20.08 -4.16 -12.57
N VAL B 262 19.07 -4.97 -12.93
CA VAL B 262 17.71 -4.46 -12.98
C VAL B 262 17.18 -4.21 -11.57
N ALA B 263 17.39 -5.17 -10.66
CA ALA B 263 16.87 -5.03 -9.30
C ALA B 263 17.45 -3.79 -8.62
N ALA B 264 18.78 -3.67 -8.60
CA ALA B 264 19.40 -2.52 -7.96
C ALA B 264 19.13 -1.23 -8.73
N GLY B 265 19.22 -1.30 -10.07
CA GLY B 265 19.01 -0.10 -10.87
C GLY B 265 17.64 0.51 -10.69
N HIS B 266 16.63 -0.33 -10.45
CA HIS B 266 15.29 0.15 -10.16
C HIS B 266 15.14 0.52 -8.69
N GLU B 267 15.29 -0.46 -7.80
CA GLU B 267 14.93 -0.31 -6.39
C GLU B 267 15.63 0.87 -5.73
N ASP B 268 16.95 0.98 -5.91
CA ASP B 268 17.70 2.00 -5.18
C ASP B 268 17.44 3.40 -5.73
N THR B 269 17.29 3.51 -7.06
CA THR B 269 17.13 4.83 -7.66
C THR B 269 15.76 5.44 -7.32
N VAL B 270 14.73 4.61 -7.22
CA VAL B 270 13.43 5.11 -6.78
C VAL B 270 13.55 5.74 -5.40
N SER B 271 14.25 5.06 -4.48
CA SER B 271 14.41 5.58 -3.13
C SER B 271 15.17 6.89 -3.13
N LEU B 272 16.26 6.97 -3.90
CA LEU B 272 17.05 8.19 -3.95
C LEU B 272 16.22 9.38 -4.39
N ILE B 273 15.39 9.20 -5.43
CA ILE B 273 14.57 10.31 -5.93
C ILE B 273 13.57 10.75 -4.86
N LEU B 274 12.92 9.80 -4.20
CA LEU B 274 11.90 10.15 -3.21
C LEU B 274 12.52 10.80 -1.97
N THR B 275 13.61 10.24 -1.46
CA THR B 275 14.20 10.80 -0.25
C THR B 275 14.83 12.16 -0.50
N ALA B 276 15.36 12.39 -1.71
CA ALA B 276 15.88 13.71 -2.05
C ALA B 276 14.77 14.74 -2.06
N VAL B 277 13.63 14.41 -2.67
CA VAL B 277 12.50 15.35 -2.67
C VAL B 277 12.01 15.60 -1.26
N ARG B 278 11.92 14.54 -0.45
CA ARG B 278 11.46 14.72 0.93
C ARG B 278 12.41 15.61 1.72
N ALA B 279 13.72 15.39 1.57
CA ALA B 279 14.70 16.18 2.31
C ALA B 279 14.68 17.64 1.88
N LEU B 280 14.57 17.89 0.58
CA LEU B 280 14.59 19.26 0.09
C LEU B 280 13.30 20.00 0.42
N LEU B 281 12.16 19.30 0.34
CA LEU B 281 10.89 19.94 0.68
C LEU B 281 10.82 20.27 2.17
N SER B 282 11.41 19.45 3.02
CA SER B 282 11.42 19.75 4.45
C SER B 282 12.53 20.72 4.84
N HIS B 283 13.38 21.11 3.88
CA HIS B 283 14.44 22.10 4.10
C HIS B 283 14.41 23.10 2.95
N PRO B 284 13.37 23.93 2.87
CA PRO B 284 13.22 24.80 1.69
C PRO B 284 14.37 25.78 1.52
N GLU B 285 15.04 26.18 2.61
CA GLU B 285 16.21 27.04 2.48
C GLU B 285 17.31 26.35 1.70
N GLN B 286 17.50 25.04 1.93
CA GLN B 286 18.53 24.32 1.19
C GLN B 286 18.11 24.03 -0.23
N LEU B 287 16.82 23.79 -0.46
CA LEU B 287 16.31 23.72 -1.83
C LEU B 287 16.56 25.02 -2.57
N ARG B 288 16.47 26.16 -1.86
CA ARG B 288 16.76 27.43 -2.49
C ARG B 288 18.21 27.53 -2.90
N LEU B 289 19.12 26.96 -2.10
CA LEU B 289 20.55 27.05 -2.42
C LEU B 289 20.88 26.34 -3.73
N VAL B 290 20.27 25.17 -3.96
CA VAL B 290 20.58 24.44 -5.19
C VAL B 290 19.89 25.07 -6.39
N ARG B 291 18.67 25.57 -6.21
CA ARG B 291 17.96 26.17 -7.34
C ARG B 291 18.58 27.51 -7.74
N ASP B 292 19.18 28.22 -6.79
CA ASP B 292 19.80 29.51 -7.07
C ASP B 292 21.27 29.38 -7.48
N GLY B 293 21.80 28.16 -7.54
CA GLY B 293 23.15 27.95 -8.01
C GLY B 293 24.26 28.11 -6.99
N GLU B 294 23.93 28.23 -5.70
CA GLU B 294 24.99 28.32 -4.69
C GLU B 294 25.53 26.95 -4.30
N ILE B 295 24.74 25.90 -4.44
CA ILE B 295 25.17 24.53 -4.17
C ILE B 295 24.76 23.67 -5.36
N GLY B 296 25.65 22.77 -5.78
CA GLY B 296 25.36 21.91 -6.91
C GLY B 296 24.34 20.84 -6.59
N TRP B 297 23.56 20.45 -7.61
CA TRP B 297 22.58 19.38 -7.43
C TRP B 297 23.25 18.08 -7.02
N GLU B 298 24.45 17.81 -7.53
CA GLU B 298 25.14 16.57 -7.17
C GLU B 298 25.56 16.59 -5.71
N THR B 299 25.76 17.76 -5.12
CA THR B 299 26.04 17.85 -3.68
C THR B 299 24.79 17.57 -2.86
N ALA B 300 23.63 18.04 -3.30
CA ALA B 300 22.39 17.72 -2.61
C ALA B 300 22.11 16.22 -2.69
N ILE B 301 22.44 15.60 -3.83
CA ILE B 301 22.28 14.16 -3.96
C ILE B 301 23.23 13.43 -3.03
N ALA B 302 24.47 13.91 -2.91
CA ALA B 302 25.43 13.24 -2.04
C ALA B 302 24.97 13.26 -0.59
N GLU B 303 24.43 14.39 -0.12
CA GLU B 303 23.98 14.46 1.27
C GLU B 303 22.73 13.62 1.50
N THR B 304 21.89 13.47 0.47
CA THR B 304 20.75 12.57 0.59
C THR B 304 21.23 11.12 0.71
N LEU B 305 22.24 10.74 -0.07
CA LEU B 305 22.77 9.38 0.01
C LEU B 305 23.39 9.12 1.38
N ARG B 306 24.06 10.12 1.95
CA ARG B 306 24.68 9.94 3.26
C ARG B 306 23.65 9.86 4.36
N TRP B 307 22.62 10.70 4.30
CA TRP B 307 21.68 10.89 5.40
C TRP B 307 20.47 9.98 5.32
N ASP B 308 20.03 9.61 4.13
CA ASP B 308 18.77 8.91 3.93
C ASP B 308 18.85 8.07 2.66
N GLY B 309 19.89 7.24 2.57
CA GLY B 309 20.21 6.53 1.35
C GLY B 309 19.32 5.33 1.11
N PRO B 310 19.47 4.73 -0.07
CA PRO B 310 18.56 3.63 -0.44
C PRO B 310 18.77 2.35 0.34
N VAL B 311 20.02 2.03 0.68
CA VAL B 311 20.33 0.77 1.36
C VAL B 311 20.34 0.99 2.87
N ILE B 312 19.62 0.15 3.60
CA ILE B 312 19.70 0.16 5.06
C ILE B 312 20.71 -0.86 5.56
N HIS B 313 20.59 -2.10 5.09
CA HIS B 313 21.53 -3.17 5.40
C HIS B 313 21.86 -3.91 4.12
N LEU B 314 23.13 -4.30 3.98
CA LEU B 314 23.61 -5.05 2.83
C LEU B 314 23.97 -6.46 3.27
N LEU B 315 23.22 -7.44 2.78
CA LEU B 315 23.44 -8.86 3.03
C LEU B 315 24.12 -9.49 1.83
N MET B 316 25.16 -10.30 2.05
CA MET B 316 25.79 -10.60 3.34
C MET B 316 27.20 -11.09 3.04
N ARG B 317 28.12 -10.91 3.99
CA ARG B 317 29.49 -11.37 3.83
C ARG B 317 29.83 -12.40 4.90
N PHE B 318 30.81 -13.26 4.60
CA PHE B 318 31.15 -14.38 5.47
C PHE B 318 32.67 -14.50 5.56
N ALA B 319 33.15 -14.78 6.77
CA ALA B 319 34.58 -14.86 7.03
C ALA B 319 35.10 -16.25 6.67
N THR B 320 36.08 -16.31 5.77
CA THR B 320 36.70 -17.59 5.43
C THR B 320 37.64 -18.07 6.52
N GLU B 321 38.06 -17.19 7.42
CA GLU B 321 38.87 -17.56 8.57
C GLU B 321 38.58 -16.56 9.68
N ASP B 322 39.17 -16.80 10.85
CA ASP B 322 39.05 -15.85 11.95
C ASP B 322 39.68 -14.52 11.56
N ILE B 323 38.96 -13.43 11.82
CA ILE B 323 39.44 -12.09 11.49
C ILE B 323 39.64 -11.34 12.80
N ASP B 324 40.88 -10.96 13.09
CA ASP B 324 41.23 -10.26 14.32
C ASP B 324 41.22 -8.76 14.06
N LEU B 325 40.40 -8.03 14.82
CA LEU B 325 40.32 -6.58 14.72
C LEU B 325 40.90 -5.89 15.93
N GLY B 326 41.60 -6.61 16.81
CA GLY B 326 42.12 -6.02 18.03
C GLY B 326 41.26 -6.33 19.24
N ASP B 327 40.17 -5.56 19.41
CA ASP B 327 39.27 -5.76 20.53
C ASP B 327 38.32 -6.94 20.33
N ALA B 328 38.11 -7.37 19.09
CA ALA B 328 37.13 -8.40 18.81
C ALA B 328 37.62 -9.29 17.67
N VAL B 329 36.98 -10.45 17.54
CA VAL B 329 37.31 -11.43 16.51
C VAL B 329 36.03 -11.82 15.81
N ILE B 330 36.03 -11.76 14.47
CA ILE B 330 34.94 -12.25 13.66
C ILE B 330 35.21 -13.73 13.37
N PRO B 331 34.45 -14.66 13.94
CA PRO B 331 34.77 -16.08 13.77
C PRO B 331 34.53 -16.55 12.35
N ARG B 332 35.31 -17.56 11.95
CA ARG B 332 35.15 -18.15 10.63
C ARG B 332 33.71 -18.65 10.45
N GLY B 333 33.12 -18.32 9.30
CA GLY B 333 31.77 -18.73 8.97
C GLY B 333 30.68 -17.79 9.43
N GLU B 334 31.00 -16.75 10.17
CA GLU B 334 29.99 -15.81 10.65
C GLU B 334 29.55 -14.88 9.54
N GLY B 335 28.28 -14.50 9.58
CA GLY B 335 27.73 -13.57 8.61
C GLY B 335 27.90 -12.13 9.05
N VAL B 336 28.24 -11.27 8.11
CA VAL B 336 28.58 -9.88 8.37
C VAL B 336 27.75 -8.99 7.46
N VAL B 337 27.01 -8.06 8.05
CA VAL B 337 26.12 -7.16 7.33
C VAL B 337 26.69 -5.75 7.38
N MET B 338 26.67 -5.06 6.24
CA MET B 338 27.06 -3.66 6.16
C MET B 338 25.82 -2.80 6.36
N SER B 339 25.75 -2.12 7.51
CA SER B 339 24.60 -1.27 7.84
C SER B 339 24.90 0.13 7.33
N TYR B 340 24.65 0.31 6.02
CA TYR B 340 25.05 1.55 5.36
C TYR B 340 24.32 2.77 5.90
N ARG B 341 23.07 2.62 6.35
CA ARG B 341 22.38 3.78 6.90
C ARG B 341 23.04 4.25 8.18
N ALA B 342 23.28 3.33 9.11
CA ALA B 342 23.99 3.70 10.34
C ALA B 342 25.38 4.26 10.02
N ILE B 343 26.06 3.69 9.01
CA ILE B 343 27.38 4.17 8.64
C ILE B 343 27.34 5.62 8.19
N GLY B 344 26.30 5.99 7.44
CA GLY B 344 26.16 7.37 6.99
C GLY B 344 25.98 8.37 8.12
N ARG B 345 25.47 7.90 9.27
CA ARG B 345 25.28 8.73 10.45
C ARG B 345 26.49 8.73 11.37
N ASP B 346 27.66 8.35 10.86
CA ASP B 346 28.85 8.25 11.71
C ASP B 346 29.26 9.63 12.21
N ILE B 347 29.23 9.80 13.53
CA ILE B 347 29.55 11.09 14.13
C ILE B 347 31.05 11.36 14.09
N THR B 348 31.87 10.32 14.18
CA THR B 348 33.32 10.52 14.12
C THR B 348 33.75 11.07 12.76
N VAL B 349 33.03 10.75 11.70
CA VAL B 349 33.40 11.21 10.37
C VAL B 349 32.69 12.51 10.00
N HIS B 350 31.40 12.64 10.32
CA HIS B 350 30.59 13.75 9.86
C HIS B 350 30.31 14.80 10.92
N GLY B 351 30.64 14.54 12.17
CA GLY B 351 30.47 15.52 13.24
C GLY B 351 29.23 15.27 14.07
N ALA B 352 29.03 16.18 15.03
CA ALA B 352 27.93 16.04 15.98
C ALA B 352 26.56 16.21 15.31
N ASP B 353 26.50 16.84 14.15
CA ASP B 353 25.24 17.05 13.44
C ASP B 353 25.00 16.00 12.35
N ALA B 354 25.54 14.79 12.53
CA ALA B 354 25.43 13.77 11.49
C ALA B 354 23.98 13.36 11.23
N ASP B 355 23.11 13.50 12.22
CA ASP B 355 21.71 13.12 12.04
C ASP B 355 20.88 14.20 11.36
N ASP B 356 21.49 15.31 10.96
CA ASP B 356 20.79 16.40 10.28
C ASP B 356 21.11 16.41 8.79
N PHE B 357 20.13 16.85 8.00
CA PHE B 357 20.31 17.03 6.57
C PHE B 357 20.87 18.43 6.31
N ASP B 358 22.08 18.49 5.76
CA ASP B 358 22.75 19.78 5.54
C ASP B 358 23.65 19.64 4.31
N ILE B 359 23.18 20.13 3.17
CA ILE B 359 23.93 20.00 1.93
C ILE B 359 25.18 20.88 1.90
N THR B 360 25.36 21.75 2.88
CA THR B 360 26.55 22.59 2.95
C THR B 360 27.65 21.99 3.80
N ARG B 361 27.42 20.82 4.41
CA ARG B 361 28.46 20.19 5.22
C ARG B 361 29.63 19.78 4.34
N ALA B 362 30.82 19.75 4.95
CA ALA B 362 32.05 19.50 4.19
C ALA B 362 32.26 18.03 3.87
N THR B 363 31.61 17.13 4.59
CA THR B 363 31.85 15.69 4.45
C THR B 363 30.77 14.98 3.64
N ALA B 364 29.99 15.72 2.85
CA ALA B 364 28.86 15.12 2.15
C ALA B 364 29.32 14.06 1.15
N ALA B 365 30.30 14.40 0.31
CA ALA B 365 30.77 13.45 -0.70
C ALA B 365 31.75 12.42 -0.15
N ARG B 366 31.95 12.37 1.17
CA ARG B 366 32.80 11.36 1.78
C ARG B 366 32.02 10.12 2.19
N HIS B 367 30.73 10.06 1.85
CA HIS B 367 29.92 8.91 2.22
C HIS B 367 30.33 7.69 1.41
N ILE B 368 29.95 6.51 1.90
CA ILE B 368 30.18 5.26 1.19
C ILE B 368 28.85 4.55 0.97
N SER B 369 27.81 5.30 0.63
CA SER B 369 26.49 4.70 0.43
C SER B 369 26.39 3.88 -0.85
N PHE B 370 27.38 4.00 -1.75
CA PHE B 370 27.50 3.13 -2.91
C PHE B 370 28.42 1.93 -2.65
N GLY B 371 28.90 1.77 -1.42
CA GLY B 371 29.84 0.73 -1.11
C GLY B 371 31.28 1.18 -1.23
N HIS B 372 32.17 0.21 -1.11
CA HIS B 372 33.61 0.46 -1.16
C HIS B 372 34.30 -0.86 -1.46
N GLY B 373 35.46 -0.78 -2.09
CA GLY B 373 36.20 -1.96 -2.45
C GLY B 373 35.74 -2.54 -3.78
N PRO B 374 36.03 -3.83 -4.00
CA PRO B 374 35.74 -4.42 -5.31
C PRO B 374 34.27 -4.43 -5.68
N HIS B 375 33.37 -4.56 -4.71
CA HIS B 375 31.94 -4.65 -4.99
C HIS B 375 31.26 -3.29 -5.04
N ILE B 376 32.01 -2.20 -5.09
CA ILE B 376 31.42 -0.87 -5.15
C ILE B 376 30.42 -0.81 -6.29
N CYS B 377 29.30 -0.13 -6.06
CA CYS B 377 28.20 -0.07 -7.02
C CYS B 377 28.71 0.32 -8.41
N PRO B 378 28.47 -0.53 -9.42
CA PRO B 378 28.89 -0.16 -10.79
C PRO B 378 27.96 0.84 -11.46
N GLY B 379 26.76 1.06 -10.92
CA GLY B 379 25.82 1.97 -11.55
C GLY B 379 25.71 3.32 -10.88
N ALA B 380 26.71 3.67 -10.08
CA ALA B 380 26.65 4.91 -9.31
C ALA B 380 26.55 6.14 -10.23
N ALA B 381 27.31 6.14 -11.33
CA ALA B 381 27.22 7.26 -12.26
C ALA B 381 25.84 7.37 -12.89
N LEU B 382 25.19 6.22 -13.14
CA LEU B 382 23.84 6.26 -13.70
C LEU B 382 22.84 6.76 -12.67
N ALA B 383 22.95 6.29 -11.42
CA ALA B 383 22.08 6.78 -10.37
C ALA B 383 22.22 8.28 -10.18
N ARG B 384 23.47 8.77 -10.17
CA ARG B 384 23.69 10.20 -10.04
C ARG B 384 23.12 10.96 -11.24
N LEU B 385 23.26 10.38 -12.44
CA LEU B 385 22.78 11.06 -13.64
C LEU B 385 21.26 11.13 -13.65
N GLU B 386 20.57 10.05 -13.31
CA GLU B 386 19.11 10.05 -13.28
C GLU B 386 18.59 11.09 -12.29
N ALA B 387 19.14 11.10 -11.08
CA ALA B 387 18.69 12.07 -10.08
C ALA B 387 19.05 13.50 -10.49
N ALA B 388 20.24 13.69 -11.07
CA ALA B 388 20.67 15.04 -11.44
C ALA B 388 19.85 15.60 -12.60
N ILE B 389 19.20 14.76 -13.38
CA ILE B 389 18.27 15.22 -14.41
C ILE B 389 16.87 15.40 -13.84
N ALA B 390 16.40 14.40 -13.09
CA ALA B 390 15.00 14.38 -12.68
C ALA B 390 14.71 15.46 -11.64
N LEU B 391 15.63 15.67 -10.68
CA LEU B 391 15.32 16.59 -9.58
C LEU B 391 15.15 18.03 -10.04
N PRO B 392 16.12 18.65 -10.74
CA PRO B 392 15.88 20.02 -11.20
C PRO B 392 14.75 20.13 -12.19
N ALA B 393 14.53 19.10 -13.01
CA ALA B 393 13.39 19.13 -13.93
C ALA B 393 12.07 19.18 -13.16
N LEU B 394 11.98 18.45 -12.06
CA LEU B 394 10.76 18.44 -11.26
C LEU B 394 10.49 19.81 -10.64
N PHE B 395 11.51 20.39 -10.01
CA PHE B 395 11.31 21.65 -9.29
C PHE B 395 11.23 22.85 -10.23
N THR B 396 11.85 22.76 -11.41
CA THR B 396 11.66 23.81 -12.40
C THR B 396 10.26 23.79 -12.97
N ARG B 397 9.72 22.60 -13.24
CA ARG B 397 8.39 22.47 -13.82
C ARG B 397 7.31 22.86 -12.81
N PHE B 398 7.48 22.48 -11.54
CA PHE B 398 6.49 22.73 -10.50
C PHE B 398 7.18 23.46 -9.34
N PRO B 399 7.45 24.75 -9.51
CA PRO B 399 8.21 25.48 -8.47
C PRO B 399 7.48 25.58 -7.14
N HIS B 400 6.15 25.43 -7.12
CA HIS B 400 5.38 25.52 -5.89
C HIS B 400 4.93 24.16 -5.39
N LEU B 401 5.60 23.09 -5.84
CA LEU B 401 5.30 21.74 -5.36
C LEU B 401 5.53 21.65 -3.85
N HIS B 402 4.59 21.02 -3.16
CA HIS B 402 4.64 20.95 -1.71
C HIS B 402 3.83 19.75 -1.25
N PRO B 403 4.07 19.25 -0.03
CA PRO B 403 3.37 18.05 0.42
C PRO B 403 1.91 18.32 0.74
N ALA B 404 1.07 17.33 0.42
CA ALA B 404 -0.33 17.31 0.85
C ALA B 404 -0.52 16.55 2.15
N LEU B 405 0.55 15.93 2.66
CA LEU B 405 0.58 15.17 3.89
C LEU B 405 1.88 15.55 4.58
N PRO B 406 1.88 15.73 5.89
CA PRO B 406 3.13 16.04 6.59
C PRO B 406 4.21 15.02 6.26
N LEU B 407 5.37 15.52 5.82
CA LEU B 407 6.44 14.65 5.35
C LEU B 407 6.81 13.58 6.37
N ASP B 408 6.82 13.95 7.66
CA ASP B 408 7.18 12.98 8.69
C ASP B 408 6.13 11.90 8.88
N GLN B 409 4.97 12.02 8.24
CA GLN B 409 3.94 10.99 8.31
C GLN B 409 4.01 10.02 7.13
N ILE B 410 4.98 10.19 6.23
CA ILE B 410 5.18 9.24 5.13
C ILE B 410 5.85 7.99 5.69
N PRO B 411 5.21 6.83 5.64
CA PRO B 411 5.78 5.64 6.25
C PRO B 411 6.66 4.86 5.27
N ASN B 412 7.56 4.07 5.84
CA ASN B 412 8.33 3.11 5.06
C ASN B 412 7.50 1.85 4.81
N LEU B 413 7.69 1.26 3.64
CA LEU B 413 7.14 -0.05 3.37
C LEU B 413 7.86 -1.08 4.24
N PRO B 414 7.19 -2.19 4.57
CA PRO B 414 7.85 -3.23 5.37
C PRO B 414 8.91 -3.98 4.57
N VAL B 415 10.03 -3.31 4.31
CA VAL B 415 11.17 -3.88 3.61
C VAL B 415 12.38 -3.69 4.51
N LEU B 416 12.99 -4.79 4.93
CA LEU B 416 13.96 -4.75 6.02
C LEU B 416 15.25 -4.03 5.62
N THR B 417 15.78 -4.34 4.44
CA THR B 417 17.11 -3.91 4.06
C THR B 417 17.14 -2.72 3.11
N GLN B 418 15.99 -2.31 2.58
CA GLN B 418 15.90 -1.21 1.64
C GLN B 418 15.07 -0.09 2.21
N ASN B 419 15.45 1.14 1.90
CA ASN B 419 14.75 2.33 2.39
C ASN B 419 13.65 2.69 1.40
N ASP B 420 12.51 2.01 1.55
CA ASP B 420 11.41 2.06 0.60
C ASP B 420 10.25 2.85 1.19
N LEU B 421 9.89 3.96 0.56
CA LEU B 421 8.77 4.78 1.01
C LEU B 421 7.47 4.28 0.40
N SER B 422 6.38 4.39 1.17
CA SER B 422 5.11 3.83 0.73
C SER B 422 4.47 4.66 -0.36
N HIS B 423 4.26 5.95 -0.09
CA HIS B 423 3.61 6.86 -1.03
C HIS B 423 4.00 8.28 -0.65
N PHE B 424 3.85 9.20 -1.60
CA PHE B 424 4.36 10.57 -1.47
C PHE B 424 3.29 11.53 -1.97
N PRO B 425 2.30 11.84 -1.15
CA PRO B 425 1.21 12.72 -1.61
C PRO B 425 1.67 14.17 -1.68
N ILE B 426 1.49 14.78 -2.86
CA ILE B 426 1.89 16.16 -3.09
C ILE B 426 0.78 16.91 -3.80
N HIS B 427 0.90 18.23 -3.78
CA HIS B 427 0.13 19.12 -4.65
C HIS B 427 1.10 19.85 -5.57
N LEU B 428 0.69 20.07 -6.82
CA LEU B 428 1.57 20.73 -7.76
C LEU B 428 1.79 22.19 -7.42
N GLY B 429 0.79 22.84 -6.84
CA GLY B 429 0.92 24.24 -6.44
C GLY B 429 0.56 25.20 -7.56
#